data_1F1X
#
_entry.id   1F1X
#
_cell.length_a   157.100
_cell.length_b   157.100
_cell.length_c   121.300
_cell.angle_alpha   90.00
_cell.angle_beta   90.00
_cell.angle_gamma   90.00
#
_symmetry.space_group_name_H-M   'I 41'
#
loop_
_entity.id
_entity.type
_entity.pdbx_description
1 polymer 'HOMOPROTOCATECHUATE 2,3-DIOXYGENASE'
2 non-polymer 'HYDRATED FE'
3 water water
#
_entity_poly.entity_id   1
_entity_poly.type   'polypeptide(L)'
_entity_poly.pdbx_seq_one_letter_code
;MSNEIPKPVAPAPDILRCAYAELVVTDLAKSRNFYVDVLGLHVSYEDENQIYLRSFEEFIHHNLVLTKGPVAALKAMAFR
VRTPEDVDKAEAYYQELGCRTERRKDGFVKGIGDALRVEDPLGFPYEFFFETTHVERLHMRYDLYSAGELVRLDHFNQVT
PDVPRGRKYLEDLGFRVTEDIQDDEGTTYAAWMHRKGTVHDTALTGGNGPRLHHVAFSTHEKHNIIQICDKMGALRISDR
IERGPGRHGVSNAFYLYILDPDNHRIEIYTQDYYTGDPDNPTITWNVHDNQRRDWWGNPVVPSWYTEASKVLDLDGNVQE
II
;
_entity_poly.pdbx_strand_id   A,B,C,D
#
loop_
_chem_comp.id
_chem_comp.type
_chem_comp.name
_chem_comp.formula
FEL non-polymer 'HYDRATED FE' 'Fe H6 O3 3'
#
# COMPACT_ATOMS: atom_id res chain seq x y z
N GLU A 4 -2.50 -28.59 38.92
CA GLU A 4 -1.89 -27.22 38.79
C GLU A 4 -0.36 -27.34 38.77
N ILE A 5 0.29 -26.62 37.87
CA ILE A 5 1.75 -26.66 37.79
C ILE A 5 2.26 -25.64 38.79
N PRO A 6 3.05 -26.06 39.80
CA PRO A 6 3.55 -25.13 40.82
C PRO A 6 4.54 -24.11 40.29
N LYS A 7 4.60 -22.97 40.95
CA LYS A 7 5.57 -21.94 40.61
C LYS A 7 6.85 -22.34 41.31
N PRO A 8 7.94 -22.58 40.55
CA PRO A 8 9.22 -22.95 41.17
C PRO A 8 9.79 -21.92 42.12
N VAL A 9 10.66 -22.37 43.01
CA VAL A 9 11.40 -21.45 43.88
C VAL A 9 12.53 -20.88 43.04
N ALA A 10 13.12 -21.70 42.18
CA ALA A 10 14.20 -21.23 41.32
C ALA A 10 13.67 -20.11 40.41
N PRO A 11 14.50 -19.09 40.15
CA PRO A 11 14.04 -17.98 39.28
C PRO A 11 13.86 -18.35 37.82
N ALA A 12 12.86 -17.77 37.18
CA ALA A 12 12.65 -18.04 35.76
C ALA A 12 13.75 -17.41 34.92
N PRO A 13 14.09 -18.05 33.82
CA PRO A 13 15.11 -17.52 32.90
C PRO A 13 14.42 -16.27 32.29
N ASP A 14 15.22 -15.25 31.96
CA ASP A 14 14.71 -14.01 31.35
C ASP A 14 14.59 -14.28 29.84
N ILE A 15 13.38 -14.48 29.36
CA ILE A 15 13.13 -14.83 27.96
C ILE A 15 12.98 -13.51 27.13
N LEU A 16 13.73 -13.41 26.03
CA LEU A 16 13.61 -12.22 25.18
C LEU A 16 12.47 -12.32 24.19
N ARG A 17 12.35 -13.46 23.50
CA ARG A 17 11.42 -13.61 22.38
C ARG A 17 11.47 -14.99 21.79
N CYS A 18 10.44 -15.34 21.01
N CYS A 18 10.45 -15.26 20.97
CA CYS A 18 10.52 -16.58 20.22
CA CYS A 18 10.37 -16.46 20.10
C CYS A 18 11.61 -16.23 19.21
C CYS A 18 11.54 -16.24 19.10
N ALA A 19 12.42 -17.24 18.90
CA ALA A 19 13.56 -17.05 17.99
C ALA A 19 13.63 -17.93 16.80
N TYR A 20 13.32 -19.23 16.92
CA TYR A 20 13.28 -20.03 15.72
C TYR A 20 12.51 -21.32 15.99
N ALA A 21 12.09 -22.00 14.95
CA ALA A 21 11.47 -23.34 15.09
C ALA A 21 12.28 -24.33 14.24
N GLU A 22 12.47 -25.54 14.77
CA GLU A 22 13.10 -26.62 13.96
C GLU A 22 11.94 -27.55 13.61
N LEU A 23 11.65 -27.67 12.32
CA LEU A 23 10.59 -28.56 11.86
C LEU A 23 11.16 -29.75 11.13
N VAL A 24 10.66 -30.95 11.48
CA VAL A 24 11.11 -32.12 10.68
C VAL A 24 10.21 -32.19 9.44
N VAL A 25 10.83 -32.37 8.28
CA VAL A 25 10.16 -32.45 7.01
C VAL A 25 10.52 -33.77 6.34
N THR A 26 9.67 -34.26 5.47
CA THR A 26 9.93 -35.58 4.87
C THR A 26 10.71 -35.58 3.57
N ASP A 27 10.58 -34.54 2.75
CA ASP A 27 11.29 -34.41 1.45
C ASP A 27 11.88 -33.01 1.50
N LEU A 28 13.17 -32.95 1.73
CA LEU A 28 13.82 -31.67 1.91
C LEU A 28 13.77 -30.79 0.69
N ALA A 29 13.93 -31.37 -0.50
CA ALA A 29 13.88 -30.51 -1.71
C ALA A 29 12.48 -29.91 -1.96
N LYS A 30 11.41 -30.65 -1.69
CA LYS A 30 10.06 -30.12 -1.89
C LYS A 30 9.82 -29.05 -0.83
N SER A 31 10.36 -29.24 0.39
CA SER A 31 10.20 -28.20 1.46
C SER A 31 10.99 -26.97 1.03
N ARG A 32 12.20 -27.16 0.49
CA ARG A 32 12.98 -25.98 0.07
C ARG A 32 12.23 -25.21 -1.03
N ASN A 33 11.56 -25.91 -1.93
CA ASN A 33 10.84 -25.21 -3.00
C ASN A 33 9.78 -24.28 -2.38
N PHE A 34 9.11 -24.77 -1.35
CA PHE A 34 8.07 -23.98 -0.71
C PHE A 34 8.65 -22.79 0.08
N TYR A 35 9.60 -23.04 0.98
CA TYR A 35 10.12 -21.94 1.82
C TYR A 35 11.03 -20.92 1.16
N VAL A 36 11.80 -21.39 0.17
CA VAL A 36 12.73 -20.51 -0.53
C VAL A 36 12.14 -20.05 -1.84
N ASP A 37 11.71 -20.95 -2.73
CA ASP A 37 11.23 -20.45 -4.01
C ASP A 37 9.89 -19.79 -3.97
N VAL A 38 8.94 -20.30 -3.18
CA VAL A 38 7.62 -19.69 -3.12
C VAL A 38 7.68 -18.56 -2.12
N LEU A 39 8.07 -18.85 -0.88
CA LEU A 39 8.03 -17.79 0.14
C LEU A 39 9.19 -16.82 0.20
N GLY A 40 10.33 -17.16 -0.40
CA GLY A 40 11.43 -16.20 -0.36
C GLY A 40 12.30 -16.06 0.87
N LEU A 41 12.21 -17.01 1.83
CA LEU A 41 13.09 -16.91 2.98
C LEU A 41 14.56 -17.07 2.52
N HIS A 42 15.46 -16.52 3.32
CA HIS A 42 16.89 -16.50 2.96
C HIS A 42 17.68 -17.64 3.57
N VAL A 43 18.52 -18.28 2.74
CA VAL A 43 19.29 -19.43 3.25
C VAL A 43 20.55 -18.99 3.94
N SER A 44 20.68 -19.26 5.23
CA SER A 44 21.89 -18.94 5.95
C SER A 44 22.90 -20.10 5.72
N TYR A 45 22.40 -21.33 5.67
CA TYR A 45 23.29 -22.53 5.51
C TYR A 45 22.42 -23.72 5.11
N GLU A 46 22.94 -24.60 4.28
CA GLU A 46 22.14 -25.79 3.96
C GLU A 46 23.10 -26.90 3.51
N ASP A 47 22.58 -28.10 3.66
CA ASP A 47 23.31 -29.30 3.20
C ASP A 47 22.24 -30.32 2.82
N GLU A 48 22.61 -31.59 2.60
CA GLU A 48 21.60 -32.53 2.16
C GLU A 48 20.62 -32.98 3.26
N ASN A 49 20.92 -32.60 4.48
CA ASN A 49 20.13 -33.01 5.65
C ASN A 49 19.25 -31.87 6.22
N GLN A 50 19.71 -30.61 6.10
CA GLN A 50 18.98 -29.51 6.73
C GLN A 50 19.09 -28.25 5.96
N ILE A 51 18.07 -27.38 6.12
CA ILE A 51 18.12 -26.04 5.48
C ILE A 51 17.91 -25.05 6.63
N TYR A 52 18.79 -24.06 6.77
CA TYR A 52 18.69 -23.00 7.82
C TYR A 52 18.22 -21.72 7.14
N LEU A 53 17.08 -21.18 7.57
CA LEU A 53 16.47 -20.03 6.87
C LEU A 53 16.24 -18.91 7.83
N ARG A 54 16.34 -17.68 7.31
CA ARG A 54 16.08 -16.47 8.13
C ARG A 54 15.25 -15.44 7.37
N SER A 55 14.51 -14.61 8.12
CA SER A 55 13.72 -13.54 7.53
C SER A 55 14.58 -12.35 7.14
N PHE A 56 13.93 -11.40 6.46
CA PHE A 56 14.61 -10.21 5.96
C PHE A 56 15.32 -9.36 6.99
N GLU A 57 14.78 -9.22 8.20
CA GLU A 57 15.39 -8.32 9.20
C GLU A 57 16.17 -9.02 10.29
N GLU A 58 16.30 -10.34 10.17
CA GLU A 58 16.95 -11.08 11.23
C GLU A 58 18.48 -10.98 11.24
N PHE A 59 19.07 -10.94 12.44
CA PHE A 59 20.57 -10.98 12.54
C PHE A 59 21.09 -12.28 13.14
N ILE A 60 20.28 -12.99 13.92
CA ILE A 60 20.77 -14.29 14.42
C ILE A 60 20.81 -15.27 13.24
N HIS A 61 21.40 -16.46 13.50
CA HIS A 61 21.67 -17.34 12.37
C HIS A 61 20.46 -17.78 11.58
N HIS A 62 19.32 -18.02 12.25
CA HIS A 62 18.17 -18.52 11.53
C HIS A 62 16.88 -18.29 12.36
N ASN A 63 15.77 -18.36 11.67
CA ASN A 63 14.44 -18.36 12.31
C ASN A 63 13.76 -19.71 12.07
N LEU A 64 14.23 -20.51 11.10
CA LEU A 64 13.56 -21.78 10.84
C LEU A 64 14.63 -22.76 10.35
N VAL A 65 14.64 -23.93 10.95
CA VAL A 65 15.55 -25.04 10.56
C VAL A 65 14.64 -26.15 10.01
N LEU A 66 14.86 -26.60 8.77
CA LEU A 66 14.08 -27.70 8.20
C LEU A 66 15.03 -28.92 8.29
N THR A 67 14.62 -29.94 9.03
CA THR A 67 15.48 -31.14 9.21
C THR A 67 14.81 -32.34 8.59
N LYS A 68 15.52 -33.04 7.70
CA LYS A 68 14.89 -34.21 7.06
C LYS A 68 14.76 -35.32 8.13
N GLY A 69 13.60 -35.96 8.12
CA GLY A 69 13.33 -37.01 9.11
C GLY A 69 12.17 -37.85 8.66
N PRO A 70 11.89 -38.91 9.44
CA PRO A 70 10.79 -39.80 9.08
C PRO A 70 9.36 -39.37 9.19
N VAL A 71 9.08 -38.61 10.24
CA VAL A 71 7.70 -38.19 10.47
C VAL A 71 7.73 -36.67 10.62
N ALA A 72 6.91 -36.00 9.81
CA ALA A 72 6.85 -34.51 9.87
C ALA A 72 6.28 -34.08 11.24
N ALA A 73 7.00 -33.18 11.88
CA ALA A 73 6.62 -32.73 13.24
C ALA A 73 7.44 -31.54 13.69
N LEU A 74 7.01 -30.90 14.77
CA LEU A 74 7.80 -29.87 15.36
C LEU A 74 8.86 -30.54 16.25
N LYS A 75 10.15 -30.26 16.01
CA LYS A 75 11.21 -30.83 16.83
C LYS A 75 11.60 -29.92 17.97
N ALA A 76 11.48 -28.59 17.79
CA ALA A 76 11.78 -27.68 18.87
C ALA A 76 11.28 -26.28 18.57
N MET A 77 10.71 -25.65 19.59
CA MET A 77 10.28 -24.23 19.49
C MET A 77 11.27 -23.56 20.43
N ALA A 78 12.09 -22.66 19.89
CA ALA A 78 13.15 -22.02 20.62
C ALA A 78 12.95 -20.57 20.97
N PHE A 79 13.29 -20.28 22.19
CA PHE A 79 13.26 -18.92 22.74
C PHE A 79 14.63 -18.48 23.08
N ARG A 80 14.97 -17.23 22.71
CA ARG A 80 16.28 -16.75 23.08
C ARG A 80 16.15 -16.10 24.47
N VAL A 81 17.15 -16.26 25.33
CA VAL A 81 17.14 -15.70 26.67
C VAL A 81 18.16 -14.59 26.71
N ARG A 82 18.07 -13.75 27.72
CA ARG A 82 18.89 -12.56 27.77
C ARG A 82 20.39 -12.67 27.97
N THR A 83 20.85 -13.68 28.72
CA THR A 83 22.27 -13.86 29.04
C THR A 83 22.60 -15.33 29.07
N PRO A 84 23.90 -15.64 28.94
CA PRO A 84 24.31 -17.04 28.98
C PRO A 84 23.83 -17.71 30.31
N GLU A 85 23.86 -16.96 31.39
CA GLU A 85 23.46 -17.48 32.71
C GLU A 85 21.97 -17.89 32.71
N ASP A 86 21.17 -17.30 31.82
CA ASP A 86 19.76 -17.66 31.78
C ASP A 86 19.53 -19.06 31.29
N VAL A 87 20.49 -19.67 30.59
CA VAL A 87 20.32 -21.05 30.17
C VAL A 87 20.48 -21.93 31.42
N ASP A 88 21.40 -21.57 32.30
CA ASP A 88 21.52 -22.34 33.57
C ASP A 88 20.21 -22.15 34.34
N LYS A 89 19.71 -20.92 34.38
CA LYS A 89 18.41 -20.71 35.09
C LYS A 89 17.28 -21.54 34.52
N ALA A 90 17.19 -21.62 33.20
CA ALA A 90 16.14 -22.43 32.59
C ALA A 90 16.31 -23.89 33.03
N GLU A 91 17.56 -24.35 33.09
CA GLU A 91 17.81 -25.74 33.43
C GLU A 91 17.33 -26.03 34.87
N ALA A 92 17.65 -25.13 35.79
CA ALA A 92 17.27 -25.34 37.19
C ALA A 92 15.75 -25.29 37.30
N TYR A 93 15.17 -24.33 36.59
CA TYR A 93 13.74 -24.15 36.58
C TYR A 93 12.99 -25.39 36.14
N TYR A 94 13.33 -25.94 34.98
CA TYR A 94 12.61 -27.09 34.51
C TYR A 94 12.94 -28.36 35.29
N GLN A 95 14.16 -28.45 35.83
CA GLN A 95 14.46 -29.61 36.69
C GLN A 95 13.57 -29.53 37.95
N GLU A 96 13.33 -28.33 38.49
CA GLU A 96 12.46 -28.22 39.65
C GLU A 96 11.02 -28.64 39.27
N LEU A 97 10.56 -28.34 38.05
CA LEU A 97 9.22 -28.76 37.62
C LEU A 97 9.17 -30.25 37.33
N GLY A 98 10.32 -30.93 37.42
CA GLY A 98 10.38 -32.38 37.18
C GLY A 98 10.31 -32.80 35.71
N CYS A 99 10.72 -31.88 34.84
CA CYS A 99 10.72 -32.12 33.39
C CYS A 99 12.05 -32.72 32.92
N ARG A 100 11.98 -33.52 31.86
CA ARG A 100 13.20 -34.09 31.25
C ARG A 100 13.90 -32.94 30.51
N THR A 101 15.22 -32.87 30.65
CA THR A 101 15.99 -31.81 30.00
C THR A 101 17.24 -32.36 29.40
N GLU A 102 17.71 -31.72 28.34
CA GLU A 102 18.98 -32.13 27.71
C GLU A 102 19.76 -30.85 27.42
N ARG A 103 21.02 -30.80 27.92
CA ARG A 103 21.88 -29.64 27.75
C ARG A 103 23.03 -29.95 26.77
N ARG A 104 23.26 -29.07 25.78
CA ARG A 104 24.39 -29.31 24.86
C ARG A 104 25.21 -28.02 24.76
N LYS A 105 26.43 -28.04 25.28
CA LYS A 105 27.26 -26.83 25.32
C LYS A 105 27.52 -26.25 23.96
N ASP A 106 27.42 -27.08 22.92
CA ASP A 106 27.70 -26.60 21.58
C ASP A 106 26.49 -26.65 20.67
N GLY A 107 25.32 -26.72 21.27
CA GLY A 107 24.08 -26.68 20.54
C GLY A 107 23.52 -27.92 19.92
N PHE A 108 22.26 -27.85 19.54
CA PHE A 108 21.55 -28.94 18.88
C PHE A 108 21.52 -28.80 17.36
N VAL A 109 21.65 -27.54 16.92
CA VAL A 109 21.64 -27.25 15.49
C VAL A 109 22.76 -26.21 15.26
N LYS A 110 23.16 -26.08 13.98
CA LYS A 110 24.25 -25.18 13.64
C LYS A 110 23.82 -23.74 13.94
N GLY A 111 24.78 -22.92 14.32
CA GLY A 111 24.54 -21.50 14.52
C GLY A 111 23.94 -21.17 15.89
N ILE A 112 23.77 -22.19 16.72
CA ILE A 112 23.32 -21.99 18.09
C ILE A 112 24.41 -22.60 18.98
N GLY A 113 24.75 -21.91 20.07
CA GLY A 113 25.77 -22.40 21.00
C GLY A 113 25.07 -23.15 22.16
N ASP A 114 25.54 -22.89 23.37
CA ASP A 114 24.99 -23.51 24.60
C ASP A 114 23.45 -23.40 24.61
N ALA A 115 22.81 -24.56 24.69
CA ALA A 115 21.35 -24.63 24.61
C ALA A 115 20.78 -25.71 25.47
N LEU A 116 19.56 -25.45 25.94
CA LEU A 116 18.84 -26.41 26.78
C LEU A 116 17.54 -26.77 26.09
N ARG A 117 17.29 -28.04 25.90
CA ARG A 117 15.99 -28.46 25.37
C ARG A 117 15.29 -29.22 26.50
N VAL A 118 13.98 -29.01 26.59
CA VAL A 118 13.13 -29.66 27.60
C VAL A 118 11.84 -30.18 27.04
N GLU A 119 11.27 -31.19 27.69
CA GLU A 119 9.91 -31.67 27.38
C GLU A 119 9.13 -30.91 28.49
N ASP A 120 8.46 -29.81 28.10
CA ASP A 120 7.81 -28.95 29.05
C ASP A 120 6.57 -29.63 29.70
N PRO A 121 5.96 -28.98 30.69
CA PRO A 121 4.81 -29.62 31.34
C PRO A 121 3.62 -29.95 30.48
N LEU A 122 3.50 -29.27 29.34
CA LEU A 122 2.44 -29.44 28.43
C LEU A 122 2.85 -30.36 27.29
N GLY A 123 4.04 -30.95 27.38
CA GLY A 123 4.45 -31.89 26.35
C GLY A 123 5.19 -31.26 25.17
N PHE A 124 5.50 -29.96 25.25
CA PHE A 124 6.20 -29.34 24.11
C PHE A 124 7.72 -29.28 24.27
N PRO A 125 8.43 -29.41 23.14
CA PRO A 125 9.87 -29.37 23.12
C PRO A 125 10.32 -27.92 23.03
N TYR A 126 10.60 -27.31 24.14
CA TYR A 126 11.06 -25.92 24.16
C TYR A 126 12.58 -25.94 24.20
N GLU A 127 13.18 -24.92 23.58
CA GLU A 127 14.63 -24.77 23.65
C GLU A 127 14.88 -23.38 24.17
N PHE A 128 15.88 -23.24 25.03
CA PHE A 128 16.32 -21.96 25.52
C PHE A 128 17.79 -21.83 25.15
N PHE A 129 18.20 -20.70 24.57
CA PHE A 129 19.64 -20.51 24.26
C PHE A 129 19.98 -19.02 24.26
N PHE A 130 21.23 -18.66 24.49
CA PHE A 130 21.64 -17.23 24.31
C PHE A 130 22.59 -17.16 23.10
N GLU A 131 23.62 -18.00 23.11
CA GLU A 131 24.65 -17.91 22.05
C GLU A 131 24.16 -18.27 20.69
N THR A 132 24.50 -17.42 19.69
CA THR A 132 24.12 -17.72 18.31
C THR A 132 25.05 -16.94 17.35
N THR A 133 25.31 -17.54 16.19
CA THR A 133 26.16 -16.91 15.19
C THR A 133 25.43 -15.75 14.50
N HIS A 134 25.96 -14.53 14.63
CA HIS A 134 25.35 -13.38 13.94
C HIS A 134 25.65 -13.49 12.45
N VAL A 135 24.67 -13.15 11.60
CA VAL A 135 24.91 -13.19 10.13
C VAL A 135 24.49 -11.80 9.56
N GLU A 136 24.61 -11.65 8.24
CA GLU A 136 24.28 -10.34 7.65
C GLU A 136 22.79 -10.02 7.86
N ARG A 137 22.52 -8.92 8.53
CA ARG A 137 21.10 -8.52 8.70
C ARG A 137 20.69 -7.94 7.35
N LEU A 138 19.66 -8.51 6.71
CA LEU A 138 19.30 -8.09 5.32
C LEU A 138 18.26 -6.95 5.25
N HIS A 139 18.08 -6.20 6.36
CA HIS A 139 16.95 -5.23 6.39
C HIS A 139 16.95 -4.11 5.38
N MET A 140 18.16 -3.81 4.83
CA MET A 140 18.22 -2.77 3.79
C MET A 140 18.64 -3.36 2.46
N ARG A 141 18.60 -4.70 2.33
CA ARG A 141 18.99 -5.34 1.06
C ARG A 141 17.79 -5.37 0.10
N TYR A 142 17.38 -4.16 -0.32
CA TYR A 142 16.24 -4.03 -1.19
C TYR A 142 16.45 -4.62 -2.57
N ASP A 143 17.71 -4.91 -2.90
CA ASP A 143 18.00 -5.63 -4.16
C ASP A 143 17.55 -7.11 -4.04
N LEU A 144 17.28 -7.58 -2.84
CA LEU A 144 16.81 -8.95 -2.68
C LEU A 144 15.33 -8.98 -2.30
N TYR A 145 14.76 -7.84 -1.97
CA TYR A 145 13.37 -7.79 -1.46
C TYR A 145 12.33 -8.26 -2.40
N SER A 146 11.57 -9.26 -1.99
CA SER A 146 10.50 -9.76 -2.86
C SER A 146 9.15 -9.07 -2.58
N ALA A 147 8.26 -9.15 -3.57
CA ALA A 147 6.94 -8.50 -3.44
C ALA A 147 6.15 -9.11 -2.28
N GLY A 148 6.52 -10.31 -1.84
CA GLY A 148 5.83 -10.91 -0.66
C GLY A 148 6.78 -11.14 0.53
N GLU A 149 7.81 -10.29 0.65
CA GLU A 149 8.84 -10.55 1.67
C GLU A 149 8.44 -10.78 3.14
N LEU A 150 8.90 -11.90 3.70
CA LEU A 150 8.70 -12.19 5.13
C LEU A 150 9.81 -11.48 5.90
N VAL A 151 9.43 -10.57 6.79
CA VAL A 151 10.46 -9.72 7.43
C VAL A 151 10.91 -10.09 8.82
N ARG A 152 10.02 -10.74 9.61
CA ARG A 152 10.39 -11.16 10.96
C ARG A 152 9.64 -12.42 11.28
N LEU A 153 10.24 -13.24 12.15
CA LEU A 153 9.49 -14.35 12.79
C LEU A 153 8.83 -13.68 14.03
N ASP A 154 7.56 -13.96 14.22
CA ASP A 154 6.84 -13.37 15.32
C ASP A 154 6.40 -14.29 16.47
N HIS A 155 5.79 -15.43 16.15
CA HIS A 155 5.26 -16.20 17.27
C HIS A 155 4.93 -17.64 16.90
N PHE A 156 4.66 -18.44 17.93
CA PHE A 156 4.19 -19.82 17.76
C PHE A 156 2.76 -19.84 18.31
N ASN A 157 2.02 -20.86 17.96
CA ASN A 157 0.63 -21.05 18.50
C ASN A 157 0.52 -22.55 18.82
N GLN A 158 0.23 -22.83 20.09
CA GLN A 158 0.23 -24.23 20.62
C GLN A 158 -1.17 -24.73 20.93
N VAL A 159 -1.46 -26.03 20.70
CA VAL A 159 -2.84 -26.56 21.00
C VAL A 159 -2.65 -27.49 22.21
N THR A 160 -3.42 -27.27 23.28
CA THR A 160 -3.22 -28.07 24.51
C THR A 160 -4.62 -28.28 25.08
N PRO A 161 -4.82 -29.39 25.80
CA PRO A 161 -6.16 -29.61 26.32
C PRO A 161 -6.66 -28.71 27.45
N ASP A 162 -5.75 -28.27 28.30
CA ASP A 162 -6.17 -27.47 29.46
C ASP A 162 -5.48 -26.10 29.37
N VAL A 163 -6.19 -25.14 28.80
CA VAL A 163 -5.59 -23.84 28.64
C VAL A 163 -5.32 -23.12 29.96
N PRO A 164 -6.28 -23.14 30.91
CA PRO A 164 -5.95 -22.45 32.16
C PRO A 164 -4.67 -23.01 32.84
N ARG A 165 -4.47 -24.34 32.82
CA ARG A 165 -3.30 -24.94 33.45
C ARG A 165 -1.99 -24.44 32.79
N GLY A 166 -2.04 -24.39 31.48
CA GLY A 166 -0.88 -23.95 30.68
C GLY A 166 -0.65 -22.46 30.86
N ARG A 167 -1.74 -21.68 30.96
CA ARG A 167 -1.61 -20.23 31.12
C ARG A 167 -0.90 -19.91 32.42
N LYS A 168 -1.26 -20.61 33.50
CA LYS A 168 -0.59 -20.31 34.73
C LYS A 168 0.91 -20.57 34.66
N TYR A 169 1.26 -21.66 34.00
CA TYR A 169 2.66 -22.04 33.87
C TYR A 169 3.45 -21.01 33.05
N LEU A 170 2.88 -20.58 31.92
CA LEU A 170 3.58 -19.55 31.14
C LEU A 170 3.61 -18.22 31.83
N GLU A 171 2.59 -17.90 32.64
CA GLU A 171 2.67 -16.65 33.37
C GLU A 171 3.78 -16.70 34.42
N ASP A 172 3.94 -17.83 35.10
CA ASP A 172 5.02 -17.89 36.09
C ASP A 172 6.42 -17.79 35.40
N LEU A 173 6.49 -18.28 34.16
CA LEU A 173 7.69 -18.28 33.35
C LEU A 173 7.96 -16.86 32.86
N GLY A 174 6.98 -15.96 33.01
CA GLY A 174 7.17 -14.57 32.66
C GLY A 174 6.44 -13.98 31.49
N PHE A 175 5.69 -14.83 30.77
CA PHE A 175 4.91 -14.35 29.63
C PHE A 175 3.73 -13.52 30.16
N ARG A 176 3.40 -12.43 29.49
CA ARG A 176 2.25 -11.58 29.96
C ARG A 176 1.11 -11.70 28.97
N VAL A 177 -0.11 -12.01 29.47
CA VAL A 177 -1.25 -12.14 28.59
C VAL A 177 -1.72 -10.79 28.08
N THR A 178 -1.82 -10.62 26.76
CA THR A 178 -2.23 -9.38 26.14
C THR A 178 -3.68 -9.45 25.73
N GLU A 179 -4.16 -10.66 25.32
CA GLU A 179 -5.55 -10.85 24.92
C GLU A 179 -5.93 -12.25 25.27
N ASP A 180 -7.23 -12.42 25.58
CA ASP A 180 -7.71 -13.78 25.86
C ASP A 180 -9.16 -13.92 25.49
N ILE A 181 -9.62 -15.16 25.50
CA ILE A 181 -11.04 -15.44 25.21
C ILE A 181 -11.59 -16.15 26.46
N GLN A 182 -12.67 -15.60 27.03
CA GLN A 182 -13.31 -16.15 28.24
C GLN A 182 -14.82 -16.37 28.08
N ASP A 183 -15.37 -17.20 28.95
CA ASP A 183 -16.86 -17.37 28.99
C ASP A 183 -17.36 -16.57 30.17
N ASP A 184 -18.64 -16.73 30.53
CA ASP A 184 -19.24 -15.98 31.66
C ASP A 184 -18.71 -16.29 33.03
N GLU A 185 -18.20 -17.51 33.18
CA GLU A 185 -17.63 -17.94 34.43
C GLU A 185 -16.26 -17.36 34.57
N GLY A 186 -15.74 -16.73 33.49
CA GLY A 186 -14.42 -16.15 33.58
C GLY A 186 -13.32 -17.16 33.22
N THR A 187 -13.72 -18.32 32.71
CA THR A 187 -12.75 -19.37 32.35
C THR A 187 -12.00 -18.99 31.04
N THR A 188 -10.68 -19.19 31.03
CA THR A 188 -9.92 -18.89 29.82
C THR A 188 -10.01 -20.03 28.81
N TYR A 189 -10.41 -19.72 27.58
CA TYR A 189 -10.48 -20.72 26.51
C TYR A 189 -9.25 -20.67 25.59
N ALA A 190 -8.60 -19.49 25.54
CA ALA A 190 -7.40 -19.32 24.65
C ALA A 190 -6.71 -18.07 25.21
N ALA A 191 -5.39 -18.01 25.11
CA ALA A 191 -4.64 -16.84 25.63
C ALA A 191 -3.44 -16.55 24.73
N TRP A 192 -3.14 -15.25 24.58
CA TRP A 192 -2.01 -14.76 23.73
C TRP A 192 -1.06 -14.12 24.71
N MET A 193 0.21 -14.50 24.67
CA MET A 193 1.12 -13.99 25.65
C MET A 193 2.47 -13.67 25.12
N HIS A 194 3.03 -12.61 25.67
CA HIS A 194 4.32 -12.09 25.12
C HIS A 194 5.45 -11.85 26.08
N ARG A 195 6.65 -11.76 25.48
CA ARG A 195 7.80 -11.26 26.19
C ARG A 195 8.35 -10.04 25.45
N LYS A 196 8.32 -10.05 24.13
CA LYS A 196 9.00 -8.97 23.40
C LYS A 196 8.32 -7.67 23.10
N GLY A 197 7.05 -7.55 23.53
CA GLY A 197 6.40 -6.26 23.29
C GLY A 197 5.44 -6.17 22.13
N THR A 198 5.10 -7.31 21.55
CA THR A 198 4.07 -7.38 20.49
C THR A 198 2.91 -8.17 21.15
N VAL A 199 1.85 -8.45 20.41
CA VAL A 199 0.71 -9.18 21.00
C VAL A 199 1.16 -10.49 21.58
N HIS A 200 2.05 -11.19 20.89
CA HIS A 200 2.49 -12.46 21.50
C HIS A 200 3.79 -13.07 20.97
N ASP A 201 4.42 -13.92 21.79
CA ASP A 201 5.52 -14.80 21.36
C ASP A 201 4.96 -16.21 21.24
N THR A 202 3.98 -16.56 22.07
CA THR A 202 3.28 -17.85 21.89
C THR A 202 1.81 -17.66 22.31
N ALA A 203 0.97 -18.61 21.95
CA ALA A 203 -0.45 -18.52 22.31
C ALA A 203 -0.86 -19.94 22.63
N LEU A 204 -1.85 -20.05 23.53
CA LEU A 204 -2.38 -21.40 23.85
C LEU A 204 -3.82 -21.45 23.41
N THR A 205 -4.20 -22.47 22.64
CA THR A 205 -5.57 -22.62 22.25
C THR A 205 -5.97 -24.02 22.70
N GLY A 206 -7.24 -24.20 23.02
CA GLY A 206 -7.63 -25.52 23.47
C GLY A 206 -7.94 -26.57 22.41
N GLY A 207 -7.49 -27.80 22.69
CA GLY A 207 -7.75 -28.91 21.79
C GLY A 207 -6.87 -30.10 22.16
N ASN A 208 -6.96 -31.20 21.41
CA ASN A 208 -6.12 -32.36 21.71
C ASN A 208 -4.68 -31.91 21.55
N GLY A 209 -3.81 -32.33 22.46
CA GLY A 209 -2.41 -31.90 22.35
C GLY A 209 -1.47 -32.75 23.14
N PRO A 210 -0.18 -32.47 23.12
CA PRO A 210 0.43 -31.35 22.38
C PRO A 210 0.50 -31.39 20.86
N ARG A 211 0.15 -30.24 20.23
CA ARG A 211 0.29 -30.07 18.77
C ARG A 211 0.65 -28.63 18.56
N LEU A 212 1.41 -28.37 17.49
CA LEU A 212 1.79 -26.97 17.19
C LEU A 212 0.82 -26.54 16.11
N HIS A 213 0.01 -25.50 16.38
CA HIS A 213 -0.93 -25.07 15.39
C HIS A 213 -0.21 -24.36 14.21
N HIS A 214 0.66 -23.42 14.53
CA HIS A 214 1.41 -22.75 13.45
C HIS A 214 2.60 -21.99 13.96
N VAL A 215 3.47 -21.58 13.01
CA VAL A 215 4.56 -20.65 13.29
C VAL A 215 4.16 -19.45 12.42
N ALA A 216 4.46 -18.27 12.89
CA ALA A 216 4.05 -17.03 12.14
C ALA A 216 5.19 -16.06 11.84
N PHE A 217 5.14 -15.53 10.60
CA PHE A 217 6.06 -14.48 10.17
C PHE A 217 5.23 -13.24 9.81
N SER A 218 5.89 -12.08 9.88
CA SER A 218 5.15 -10.89 9.45
C SER A 218 5.72 -10.34 8.17
N THR A 219 4.94 -9.46 7.55
CA THR A 219 5.40 -8.70 6.34
C THR A 219 5.34 -7.21 6.76
N HIS A 220 5.93 -6.37 5.93
CA HIS A 220 5.85 -4.97 6.26
C HIS A 220 4.47 -4.40 6.06
N GLU A 221 3.80 -4.78 4.97
CA GLU A 221 2.50 -4.14 4.63
C GLU A 221 1.47 -5.12 4.16
N LYS A 222 0.22 -4.69 4.08
CA LYS A 222 -0.82 -5.64 3.67
C LYS A 222 -0.67 -6.14 2.23
N HIS A 223 -0.18 -5.27 1.33
CA HIS A 223 -0.04 -5.73 -0.03
C HIS A 223 0.96 -6.89 -0.18
N ASN A 224 1.89 -7.02 0.76
CA ASN A 224 2.87 -8.16 0.66
C ASN A 224 2.14 -9.47 0.87
N ILE A 225 1.12 -9.47 1.73
CA ILE A 225 0.35 -10.70 1.96
C ILE A 225 -0.51 -11.04 0.81
N ILE A 226 -1.12 -10.02 0.19
CA ILE A 226 -1.92 -10.26 -0.97
C ILE A 226 -1.04 -10.84 -2.08
N GLN A 227 0.20 -10.38 -2.18
CA GLN A 227 1.10 -10.89 -3.24
C GLN A 227 1.40 -12.38 -3.06
N ILE A 228 1.52 -12.81 -1.81
CA ILE A 228 1.77 -14.24 -1.57
C ILE A 228 0.59 -15.02 -2.15
N CYS A 229 -0.63 -14.54 -1.91
CA CYS A 229 -1.79 -15.26 -2.48
C CYS A 229 -1.76 -15.24 -3.99
N ASP A 230 -1.46 -14.08 -4.59
CA ASP A 230 -1.46 -13.97 -6.05
C ASP A 230 -0.40 -14.90 -6.67
N LYS A 231 0.78 -14.93 -6.06
CA LYS A 231 1.88 -15.79 -6.53
C LYS A 231 1.44 -17.27 -6.42
N MET A 232 0.87 -17.68 -5.27
CA MET A 232 0.40 -19.07 -5.16
C MET A 232 -0.65 -19.38 -6.23
N GLY A 233 -1.57 -18.45 -6.54
CA GLY A 233 -2.54 -18.73 -7.60
C GLY A 233 -1.86 -18.91 -8.97
N ALA A 234 -0.88 -18.08 -9.25
CA ALA A 234 -0.16 -18.20 -10.54
C ALA A 234 0.67 -19.52 -10.63
N LEU A 235 1.14 -19.99 -9.49
CA LEU A 235 1.91 -21.26 -9.40
C LEU A 235 0.97 -22.43 -9.38
N ARG A 236 -0.35 -22.17 -9.36
CA ARG A 236 -1.34 -23.26 -9.33
C ARG A 236 -1.26 -24.10 -8.03
N ILE A 237 -0.92 -23.44 -6.92
CA ILE A 237 -0.87 -24.06 -5.63
C ILE A 237 -1.80 -23.34 -4.65
N SER A 238 -2.81 -22.67 -5.22
CA SER A 238 -3.81 -21.97 -4.34
C SER A 238 -4.51 -22.94 -3.40
N ASP A 239 -4.51 -24.24 -3.71
CA ASP A 239 -5.13 -25.19 -2.76
C ASP A 239 -4.33 -25.30 -1.47
N ARG A 240 -3.11 -24.70 -1.43
CA ARG A 240 -2.29 -24.69 -0.20
C ARG A 240 -2.57 -23.45 0.66
N ILE A 241 -3.48 -22.56 0.17
CA ILE A 241 -3.93 -21.44 1.01
C ILE A 241 -5.10 -22.02 1.80
N GLU A 242 -4.95 -21.99 3.11
CA GLU A 242 -5.97 -22.58 4.01
C GLU A 242 -7.02 -21.63 4.43
N ARG A 243 -6.60 -20.44 4.90
CA ARG A 243 -7.62 -19.51 5.41
C ARG A 243 -7.06 -18.09 5.27
N GLY A 244 -7.92 -17.21 4.81
CA GLY A 244 -7.54 -15.81 4.68
C GLY A 244 -7.49 -15.44 3.25
N PRO A 245 -7.12 -14.18 2.95
CA PRO A 245 -6.78 -13.17 3.98
C PRO A 245 -7.96 -12.64 4.73
N GLY A 246 -7.69 -12.28 5.97
CA GLY A 246 -8.78 -11.64 6.75
C GLY A 246 -8.17 -10.79 7.87
N ARG A 247 -9.06 -10.27 8.75
CA ARG A 247 -8.57 -9.53 9.88
C ARG A 247 -9.02 -10.25 11.14
N HIS A 248 -8.09 -10.67 12.01
CA HIS A 248 -8.50 -11.30 13.29
C HIS A 248 -8.97 -10.22 14.25
N GLY A 249 -10.02 -10.53 14.98
CA GLY A 249 -10.40 -9.62 16.05
C GLY A 249 -9.31 -9.67 17.11
N VAL A 250 -9.08 -10.86 17.68
CA VAL A 250 -8.04 -11.02 18.68
C VAL A 250 -6.72 -10.77 17.91
N SER A 251 -5.91 -9.86 18.46
CA SER A 251 -4.60 -9.42 17.93
C SER A 251 -4.69 -8.34 16.86
N ASN A 252 -5.87 -8.10 16.29
CA ASN A 252 -6.05 -7.07 15.23
C ASN A 252 -5.09 -7.30 14.04
N ALA A 253 -4.69 -8.53 13.83
CA ALA A 253 -3.75 -8.79 12.70
C ALA A 253 -4.49 -9.02 11.38
N PHE A 254 -3.86 -8.58 10.26
CA PHE A 254 -4.33 -8.88 8.92
C PHE A 254 -3.50 -10.20 8.62
N TYR A 255 -4.24 -11.27 8.42
CA TYR A 255 -3.62 -12.61 8.37
C TYR A 255 -3.83 -13.41 7.14
N LEU A 256 -2.95 -14.47 7.01
CA LEU A 256 -3.09 -15.44 5.95
C LEU A 256 -2.47 -16.74 6.56
N TYR A 257 -3.12 -17.93 6.36
CA TYR A 257 -2.56 -19.23 6.78
C TYR A 257 -2.39 -20.09 5.53
N ILE A 258 -1.19 -20.61 5.34
CA ILE A 258 -0.93 -21.49 4.24
C ILE A 258 -0.30 -22.79 4.83
N LEU A 259 -0.21 -23.82 3.97
CA LEU A 259 0.25 -25.16 4.39
C LEU A 259 1.48 -25.59 3.58
N ASP A 260 2.52 -26.01 4.28
CA ASP A 260 3.78 -26.45 3.60
C ASP A 260 3.52 -27.91 3.07
N PRO A 261 4.53 -28.49 2.41
CA PRO A 261 4.39 -29.83 1.84
C PRO A 261 4.02 -30.95 2.79
N ASP A 262 4.37 -30.79 4.05
CA ASP A 262 4.03 -31.81 5.09
C ASP A 262 2.81 -31.35 5.89
N ASN A 263 2.13 -30.34 5.36
CA ASN A 263 0.93 -29.78 6.03
C ASN A 263 1.22 -28.96 7.28
N HIS A 264 2.49 -28.57 7.53
CA HIS A 264 2.73 -27.67 8.65
C HIS A 264 2.11 -26.32 8.24
N ARG A 265 1.42 -25.69 9.19
CA ARG A 265 0.74 -24.42 8.90
C ARG A 265 1.60 -23.24 9.27
N ILE A 266 1.73 -22.32 8.29
CA ILE A 266 2.51 -21.10 8.46
C ILE A 266 1.54 -19.92 8.35
N GLU A 267 1.58 -19.03 9.32
CA GLU A 267 0.76 -17.81 9.29
C GLU A 267 1.68 -16.66 8.79
N ILE A 268 1.16 -15.84 7.88
CA ILE A 268 1.90 -14.62 7.51
C ILE A 268 0.91 -13.51 7.90
N TYR A 269 1.36 -12.52 8.66
CA TYR A 269 0.40 -11.45 8.98
C TYR A 269 1.11 -10.13 9.00
N THR A 270 0.30 -9.07 9.16
CA THR A 270 0.91 -7.76 9.35
C THR A 270 0.03 -6.97 10.30
N GLN A 271 0.66 -5.96 10.93
CA GLN A 271 0.01 -5.02 11.84
C GLN A 271 0.08 -5.56 13.25
N ASP A 272 0.92 -4.89 14.04
CA ASP A 272 1.14 -5.25 15.48
C ASP A 272 0.77 -4.03 16.27
N TYR A 273 0.74 -4.18 17.58
CA TYR A 273 0.63 -2.99 18.45
C TYR A 273 1.54 -3.25 19.63
N TYR A 274 1.89 -2.20 20.34
CA TYR A 274 2.85 -2.25 21.45
C TYR A 274 2.23 -2.70 22.77
N THR A 275 2.85 -3.70 23.37
CA THR A 275 2.31 -4.27 24.61
C THR A 275 3.32 -4.24 25.73
N GLY A 276 4.45 -3.59 25.53
CA GLY A 276 5.51 -3.58 26.52
C GLY A 276 5.30 -2.92 27.85
N ASP A 277 4.23 -2.11 28.05
CA ASP A 277 4.06 -1.47 29.36
C ASP A 277 3.56 -2.58 30.29
N PRO A 278 3.97 -2.57 31.57
CA PRO A 278 3.56 -3.65 32.47
C PRO A 278 2.10 -3.73 32.82
N ASP A 279 1.42 -2.62 32.65
CA ASP A 279 0.00 -2.58 32.89
C ASP A 279 -0.80 -2.51 31.57
N ASN A 280 -0.19 -3.00 30.47
CA ASN A 280 -0.87 -3.02 29.16
C ASN A 280 -2.26 -3.60 29.43
N PRO A 281 -3.30 -2.96 28.90
CA PRO A 281 -4.68 -3.46 29.14
C PRO A 281 -4.96 -4.79 28.47
N THR A 282 -5.31 -5.82 29.24
CA THR A 282 -5.63 -7.08 28.58
C THR A 282 -6.99 -6.97 27.90
N ILE A 283 -7.10 -7.43 26.67
CA ILE A 283 -8.37 -7.38 25.97
C ILE A 283 -9.00 -8.78 26.12
N THR A 284 -10.17 -8.83 26.76
CA THR A 284 -10.86 -10.10 26.91
C THR A 284 -12.02 -10.17 25.97
N TRP A 285 -12.06 -11.19 25.10
CA TRP A 285 -13.12 -11.37 24.12
C TRP A 285 -14.12 -12.41 24.60
N ASN A 286 -15.40 -12.19 24.30
CA ASN A 286 -16.43 -13.17 24.66
C ASN A 286 -16.35 -14.38 23.71
N VAL A 287 -16.43 -15.58 24.28
CA VAL A 287 -16.39 -16.78 23.46
C VAL A 287 -17.53 -16.81 22.47
N HIS A 288 -18.64 -16.10 22.72
CA HIS A 288 -19.71 -16.06 21.71
C HIS A 288 -19.61 -14.91 20.67
N ASP A 289 -18.54 -14.10 20.71
CA ASP A 289 -18.45 -12.95 19.77
C ASP A 289 -17.69 -13.43 18.55
N ASN A 290 -18.39 -13.51 17.41
CA ASN A 290 -17.80 -14.01 16.19
C ASN A 290 -16.64 -13.14 15.75
N GLN A 291 -16.73 -11.84 16.05
CA GLN A 291 -15.63 -10.99 15.59
C GLN A 291 -14.29 -11.27 16.23
N ARG A 292 -14.25 -12.10 17.28
CA ARG A 292 -12.97 -12.45 17.89
C ARG A 292 -12.16 -13.24 16.85
N ARG A 293 -12.85 -14.01 16.01
CA ARG A 293 -12.18 -14.87 15.00
C ARG A 293 -11.96 -14.10 13.70
N ASP A 294 -13.01 -13.47 13.21
CA ASP A 294 -12.95 -12.70 12.01
C ASP A 294 -13.66 -11.39 12.15
N TRP A 295 -12.87 -10.33 12.11
CA TRP A 295 -13.48 -9.02 12.23
C TRP A 295 -14.47 -8.74 11.10
N TRP A 296 -14.25 -9.27 9.87
CA TRP A 296 -15.12 -9.01 8.76
C TRP A 296 -16.23 -10.07 8.61
N GLY A 297 -16.14 -11.17 9.37
CA GLY A 297 -17.17 -12.23 9.23
C GLY A 297 -16.86 -13.33 8.22
N ASN A 298 -15.61 -13.40 7.73
CA ASN A 298 -15.19 -14.41 6.71
C ASN A 298 -15.67 -15.77 7.15
N PRO A 299 -16.09 -16.61 6.18
CA PRO A 299 -16.54 -17.95 6.52
C PRO A 299 -15.52 -18.79 7.25
N VAL A 300 -16.03 -19.66 8.09
CA VAL A 300 -15.19 -20.58 8.86
C VAL A 300 -14.58 -21.67 7.97
N VAL A 301 -13.29 -21.96 8.22
CA VAL A 301 -12.59 -23.00 7.46
C VAL A 301 -12.38 -24.14 8.50
N PRO A 302 -13.12 -25.25 8.35
CA PRO A 302 -12.98 -26.32 9.35
C PRO A 302 -11.60 -26.90 9.68
N SER A 303 -10.75 -27.08 8.68
CA SER A 303 -9.43 -27.66 8.96
C SER A 303 -8.63 -26.81 9.92
N TRP A 304 -8.93 -25.53 10.00
CA TRP A 304 -8.17 -24.70 10.91
C TRP A 304 -8.42 -25.08 12.35
N TYR A 305 -9.60 -25.69 12.62
CA TYR A 305 -9.91 -26.13 13.97
C TYR A 305 -9.63 -27.61 14.21
N THR A 306 -9.35 -28.35 13.17
CA THR A 306 -9.04 -29.76 13.38
C THR A 306 -7.58 -30.17 13.20
N GLU A 307 -6.85 -29.51 12.30
CA GLU A 307 -5.48 -29.93 12.02
C GLU A 307 -4.42 -29.10 12.74
N ALA A 308 -3.36 -29.77 13.21
CA ALA A 308 -2.22 -29.13 13.86
C ALA A 308 -1.06 -30.14 13.85
N SER A 309 0.16 -29.65 13.88
CA SER A 309 1.33 -30.51 13.75
C SER A 309 1.67 -31.33 14.99
N LYS A 310 2.13 -32.56 14.75
CA LYS A 310 2.67 -33.38 15.84
C LYS A 310 3.92 -32.71 16.38
N VAL A 311 4.30 -33.02 17.61
CA VAL A 311 5.52 -32.52 18.17
C VAL A 311 6.33 -33.73 18.67
N LEU A 312 7.65 -33.57 18.78
CA LEU A 312 8.56 -34.66 19.17
C LEU A 312 9.08 -34.53 20.60
N ASP A 313 9.41 -35.68 21.20
CA ASP A 313 10.02 -35.69 22.48
C ASP A 313 11.53 -35.63 22.26
N LEU A 314 12.32 -35.66 23.32
CA LEU A 314 13.78 -35.53 23.21
C LEU A 314 14.50 -36.69 22.52
N ASP A 315 13.83 -37.81 22.36
CA ASP A 315 14.39 -38.92 21.64
C ASP A 315 14.02 -38.82 20.18
N GLY A 316 13.23 -37.82 19.81
CA GLY A 316 12.86 -37.77 18.41
C GLY A 316 11.61 -38.50 18.04
N ASN A 317 10.86 -39.04 19.03
CA ASN A 317 9.61 -39.77 18.82
C ASN A 317 8.39 -38.86 18.99
N VAL A 318 7.32 -39.11 18.26
CA VAL A 318 6.13 -38.26 18.38
C VAL A 318 5.53 -38.34 19.80
N GLN A 319 5.20 -37.19 20.37
CA GLN A 319 4.59 -37.11 21.70
C GLN A 319 3.16 -37.54 21.59
N GLU A 320 2.75 -38.41 22.49
CA GLU A 320 1.37 -38.85 22.49
C GLU A 320 0.37 -37.67 22.56
N ILE A 321 -0.61 -37.70 21.67
CA ILE A 321 -1.64 -36.66 21.68
C ILE A 321 -2.78 -37.00 22.60
N ILE A 322 -2.93 -36.17 23.65
CA ILE A 322 -3.99 -36.21 24.72
C ILE A 322 -4.96 -35.07 24.35
N GLU B 4 33.00 12.09 31.70
CA GLU B 4 32.75 13.41 32.30
C GLU B 4 31.43 13.49 33.08
N ILE B 5 30.31 12.92 32.61
CA ILE B 5 29.15 12.93 33.53
C ILE B 5 29.34 11.58 34.24
N PRO B 6 29.55 11.61 35.54
CA PRO B 6 29.75 10.37 36.29
C PRO B 6 28.60 9.40 36.36
N LYS B 7 28.93 8.14 36.46
CA LYS B 7 27.91 7.13 36.64
C LYS B 7 27.51 7.14 38.13
N PRO B 8 26.27 7.51 38.44
CA PRO B 8 25.91 7.51 39.87
C PRO B 8 26.00 6.15 40.55
N VAL B 9 26.04 6.20 41.88
CA VAL B 9 26.03 4.95 42.65
C VAL B 9 24.58 4.49 42.70
N ALA B 10 23.67 5.44 42.81
CA ALA B 10 22.23 5.16 42.88
C ALA B 10 21.80 4.41 41.61
N PRO B 11 20.92 3.40 41.75
CA PRO B 11 20.49 2.64 40.56
C PRO B 11 19.64 3.50 39.63
N ALA B 12 19.81 3.28 38.34
CA ALA B 12 19.00 4.02 37.38
C ALA B 12 17.53 3.59 37.37
N PRO B 13 16.61 4.51 37.07
CA PRO B 13 15.18 4.15 37.00
C PRO B 13 15.08 3.22 35.76
N ASP B 14 14.16 2.24 35.78
CA ASP B 14 13.94 1.33 34.68
C ASP B 14 12.98 2.07 33.72
N ILE B 15 13.50 2.58 32.61
CA ILE B 15 12.71 3.32 31.63
C ILE B 15 12.08 2.40 30.62
N LEU B 16 10.78 2.55 30.42
CA LEU B 16 10.07 1.75 29.45
C LEU B 16 10.15 2.30 28.02
N ARG B 17 9.89 3.61 27.87
CA ARG B 17 9.77 4.18 26.51
C ARG B 17 9.49 5.68 26.58
N CYS B 18 9.72 6.39 25.48
N CYS B 18 9.66 6.32 25.43
CA CYS B 18 9.29 7.78 25.44
CA CYS B 18 9.27 7.71 25.19
C CYS B 18 7.76 7.61 25.46
C CYS B 18 7.71 7.63 25.33
N ALA B 19 7.09 8.55 26.09
CA ALA B 19 5.63 8.47 26.27
C ALA B 19 4.85 9.72 25.88
N TYR B 20 5.34 10.91 26.20
CA TYR B 20 4.66 12.10 25.68
C TYR B 20 5.58 13.32 25.69
N ALA B 21 5.19 14.35 24.94
CA ALA B 21 5.90 15.63 25.00
C ALA B 21 4.87 16.69 25.35
N GLU B 22 5.31 17.70 26.14
CA GLU B 22 4.48 18.88 26.41
C GLU B 22 5.17 20.03 25.62
N LEU B 23 4.47 20.58 24.65
CA LEU B 23 4.97 21.71 23.85
C LEU B 23 4.18 22.96 24.20
N VAL B 24 4.92 24.04 24.43
CA VAL B 24 4.26 25.34 24.60
C VAL B 24 4.04 25.90 23.19
N VAL B 25 2.80 26.37 22.94
CA VAL B 25 2.37 26.93 21.66
C VAL B 25 1.84 28.35 21.94
N THR B 26 1.88 29.20 20.93
CA THR B 26 1.47 30.59 21.13
C THR B 26 0.02 30.85 20.81
N ASP B 27 -0.57 30.07 19.90
CA ASP B 27 -1.98 30.24 19.52
C ASP B 27 -2.61 28.86 19.59
N LEU B 28 -3.37 28.63 20.64
CA LEU B 28 -3.93 27.30 20.83
C LEU B 28 -4.85 26.87 19.71
N ALA B 29 -5.70 27.76 19.21
CA ALA B 29 -6.63 27.39 18.13
C ALA B 29 -5.90 27.00 16.85
N LYS B 30 -4.88 27.77 16.46
CA LYS B 30 -4.12 27.41 15.24
C LYS B 30 -3.41 26.07 15.45
N SER B 31 -2.86 25.86 16.66
CA SER B 31 -2.19 24.56 16.94
C SER B 31 -3.21 23.43 16.87
N ARG B 32 -4.39 23.64 17.45
CA ARG B 32 -5.43 22.57 17.41
C ARG B 32 -5.77 22.26 15.97
N ASN B 33 -5.90 23.28 15.10
CA ASN B 33 -6.23 23.03 13.72
C ASN B 33 -5.16 22.11 13.05
N PHE B 34 -3.89 22.36 13.34
CA PHE B 34 -2.82 21.57 12.75
C PHE B 34 -2.82 20.13 13.33
N TYR B 35 -2.84 19.97 14.65
CA TYR B 35 -2.70 18.62 15.22
C TYR B 35 -3.92 17.76 15.12
N VAL B 36 -5.11 18.40 15.21
CA VAL B 36 -6.37 17.65 15.18
C VAL B 36 -6.99 17.67 13.82
N ASP B 37 -7.23 18.85 13.25
CA ASP B 37 -7.89 18.86 11.95
C ASP B 37 -7.03 18.42 10.80
N VAL B 38 -5.77 18.84 10.77
CA VAL B 38 -4.89 18.41 9.70
C VAL B 38 -4.34 16.97 9.97
N LEU B 39 -3.70 16.75 11.10
CA LEU B 39 -3.06 15.45 11.37
C LEU B 39 -3.96 14.40 11.96
N GLY B 40 -5.12 14.77 12.53
CA GLY B 40 -6.02 13.74 13.01
C GLY B 40 -5.77 13.12 14.36
N LEU B 41 -4.94 13.72 15.20
CA LEU B 41 -4.71 13.13 16.53
C LEU B 41 -6.00 13.21 17.33
N HIS B 42 -6.12 12.36 18.34
CA HIS B 42 -7.36 12.24 19.11
C HIS B 42 -7.34 13.01 20.40
N VAL B 43 -8.42 13.76 20.66
CA VAL B 43 -8.48 14.53 21.89
C VAL B 43 -8.84 13.77 23.15
N SER B 44 -7.94 13.73 24.16
CA SER B 44 -8.27 13.07 25.41
C SER B 44 -8.90 14.07 26.38
N TYR B 45 -8.51 15.34 26.26
CA TYR B 45 -9.05 16.42 27.12
C TYR B 45 -8.64 17.77 26.51
N GLU B 46 -9.48 18.79 26.67
CA GLU B 46 -9.04 20.10 26.26
C GLU B 46 -9.83 21.15 27.00
N ASP B 47 -9.20 22.31 27.15
CA ASP B 47 -9.88 23.48 27.73
C ASP B 47 -9.30 24.70 27.02
N GLU B 48 -9.48 25.90 27.59
CA GLU B 48 -9.00 27.09 26.92
C GLU B 48 -7.48 27.27 26.94
N ASN B 49 -6.80 26.49 27.77
CA ASN B 49 -5.37 26.63 27.94
C ASN B 49 -4.51 25.49 27.40
N GLN B 50 -5.10 24.29 27.35
CA GLN B 50 -4.36 23.09 26.92
C GLN B 50 -5.18 22.13 26.11
N ILE B 51 -4.48 21.41 25.23
CA ILE B 51 -5.13 20.33 24.46
C ILE B 51 -4.26 19.07 24.72
N TYR B 52 -4.92 17.96 25.06
CA TYR B 52 -4.23 16.67 25.34
C TYR B 52 -4.59 15.74 24.19
N LEU B 53 -3.57 15.22 23.50
CA LEU B 53 -3.82 14.43 22.27
C LEU B 53 -3.14 13.07 22.36
N ARG B 54 -3.78 12.09 21.73
CA ARG B 54 -3.14 10.74 21.70
C ARG B 54 -3.24 10.15 20.31
N SER B 55 -2.33 9.19 20.03
CA SER B 55 -2.32 8.49 18.75
C SER B 55 -3.37 7.32 18.78
N PHE B 56 -3.56 6.76 17.60
CA PHE B 56 -4.60 5.72 17.37
C PHE B 56 -4.45 4.48 18.27
N GLU B 57 -3.23 4.05 18.55
CA GLU B 57 -3.05 2.82 19.34
C GLU B 57 -2.72 3.03 20.81
N GLU B 58 -2.70 4.30 21.25
CA GLU B 58 -2.31 4.58 22.63
C GLU B 58 -3.38 4.29 23.66
N PHE B 59 -2.96 3.81 24.83
CA PHE B 59 -3.91 3.60 25.93
C PHE B 59 -3.63 4.51 27.12
N ILE B 60 -2.40 5.03 27.22
CA ILE B 60 -2.13 6.02 28.32
C ILE B 60 -2.86 7.32 27.94
N HIS B 61 -2.93 8.25 28.89
CA HIS B 61 -3.79 9.42 28.61
C HIS B 61 -3.49 10.26 27.38
N HIS B 62 -2.20 10.44 27.12
CA HIS B 62 -1.86 11.25 25.96
C HIS B 62 -0.42 11.00 25.54
N ASN B 63 -0.14 11.42 24.32
CA ASN B 63 1.22 11.42 23.74
C ASN B 63 1.69 12.85 23.50
N LEU B 64 0.78 13.85 23.54
CA LEU B 64 1.20 15.22 23.28
C LEU B 64 0.30 16.16 24.08
N VAL B 65 0.89 17.16 24.75
CA VAL B 65 0.12 18.15 25.50
C VAL B 65 0.54 19.47 24.89
N LEU B 66 -0.45 20.23 24.39
CA LEU B 66 -0.15 21.57 23.83
C LEU B 66 -0.59 22.54 24.92
N THR B 67 0.33 23.40 25.36
CA THR B 67 0.04 24.34 26.44
C THR B 67 0.29 25.74 25.96
N LYS B 68 -0.73 26.60 26.05
CA LYS B 68 -0.59 28.00 25.65
C LYS B 68 0.46 28.75 26.53
N GLY B 69 1.31 29.49 25.85
CA GLY B 69 2.34 30.27 26.54
C GLY B 69 2.85 31.35 25.61
N PRO B 70 3.69 32.25 26.16
CA PRO B 70 4.21 33.35 25.34
C PRO B 70 5.34 33.06 24.37
N VAL B 71 6.12 32.02 24.67
CA VAL B 71 7.25 31.66 23.83
C VAL B 71 7.19 30.15 23.55
N ALA B 72 7.08 29.80 22.29
CA ALA B 72 6.93 28.36 21.89
C ALA B 72 8.28 27.66 22.23
N ALA B 73 8.18 26.45 22.80
CA ALA B 73 9.37 25.73 23.28
C ALA B 73 8.89 24.38 23.80
N LEU B 74 9.83 23.47 24.01
CA LEU B 74 9.54 22.16 24.65
C LEU B 74 9.51 22.37 26.16
N LYS B 75 8.40 22.01 26.80
CA LYS B 75 8.28 22.18 28.25
C LYS B 75 8.72 20.91 28.95
N ALA B 76 8.46 19.75 28.35
CA ALA B 76 8.94 18.48 28.94
C ALA B 76 8.90 17.34 27.92
N MET B 77 9.93 16.49 27.93
CA MET B 77 9.96 15.25 27.12
C MET B 77 9.81 14.18 28.23
N ALA B 78 8.72 13.40 28.20
CA ALA B 78 8.43 12.46 29.26
C ALA B 78 8.66 10.99 28.88
N PHE B 79 9.29 10.25 29.82
CA PHE B 79 9.50 8.81 29.63
C PHE B 79 8.72 8.08 30.71
N ARG B 80 8.02 7.01 30.33
CA ARG B 80 7.30 6.23 31.34
C ARG B 80 8.28 5.23 31.95
N VAL B 81 8.22 5.03 33.28
CA VAL B 81 9.09 4.06 33.96
C VAL B 81 8.30 2.84 34.35
N ARG B 82 8.99 1.75 34.71
CA ARG B 82 8.30 0.47 34.91
C ARG B 82 7.37 0.32 36.10
N THR B 83 7.76 0.96 37.19
CA THR B 83 7.00 0.86 38.45
C THR B 83 6.96 2.20 39.16
N PRO B 84 6.05 2.33 40.13
CA PRO B 84 5.95 3.57 40.89
C PRO B 84 7.29 3.92 41.57
N GLU B 85 7.99 2.89 42.03
CA GLU B 85 9.25 3.02 42.73
C GLU B 85 10.35 3.56 41.84
N ASP B 86 10.18 3.40 40.54
CA ASP B 86 11.16 3.96 39.64
C ASP B 86 11.17 5.49 39.61
N VAL B 87 10.08 6.12 40.03
CA VAL B 87 10.07 7.58 40.08
C VAL B 87 11.00 7.97 41.25
N ASP B 88 10.94 7.25 42.37
CA ASP B 88 11.86 7.55 43.46
C ASP B 88 13.32 7.30 43.01
N LYS B 89 13.55 6.27 42.19
CA LYS B 89 14.91 5.97 41.73
C LYS B 89 15.39 7.13 40.84
N ALA B 90 14.52 7.60 39.95
CA ALA B 90 14.88 8.71 39.10
C ALA B 90 15.27 9.94 39.92
N GLU B 91 14.52 10.21 40.99
CA GLU B 91 14.82 11.41 41.80
C GLU B 91 16.17 11.24 42.50
N ALA B 92 16.43 10.08 43.09
CA ALA B 92 17.73 9.85 43.73
C ALA B 92 18.89 9.91 42.73
N TYR B 93 18.67 9.40 41.53
CA TYR B 93 19.69 9.36 40.48
C TYR B 93 20.07 10.77 40.03
N TYR B 94 19.07 11.59 39.73
CA TYR B 94 19.36 12.97 39.28
C TYR B 94 19.87 13.86 40.41
N GLN B 95 19.44 13.58 41.65
CA GLN B 95 19.94 14.37 42.80
C GLN B 95 21.44 14.10 42.87
N GLU B 96 21.80 12.83 42.72
CA GLU B 96 23.20 12.45 42.81
C GLU B 96 24.00 13.13 41.71
N LEU B 97 23.38 13.33 40.54
CA LEU B 97 24.04 13.98 39.37
C LEU B 97 24.15 15.49 39.55
N GLY B 98 23.56 15.97 40.63
CA GLY B 98 23.56 17.39 40.96
C GLY B 98 22.57 18.23 40.17
N CYS B 99 21.55 17.61 39.58
CA CYS B 99 20.56 18.32 38.77
C CYS B 99 19.40 18.87 39.56
N ARG B 100 18.83 19.97 39.08
CA ARG B 100 17.65 20.51 39.72
C ARG B 100 16.47 19.55 39.39
N THR B 101 15.66 19.23 40.39
CA THR B 101 14.51 18.33 40.19
C THR B 101 13.26 18.92 40.87
N GLU B 102 12.07 18.54 40.42
CA GLU B 102 10.82 18.97 41.05
C GLU B 102 9.89 17.73 40.99
N ARG B 103 9.33 17.36 42.13
CA ARG B 103 8.47 16.19 42.25
C ARG B 103 7.08 16.62 42.58
N ARG B 104 6.09 16.14 41.81
CA ARG B 104 4.68 16.42 42.09
C ARG B 104 3.96 15.07 42.19
N LYS B 105 3.44 14.77 43.37
CA LYS B 105 2.78 13.51 43.64
C LYS B 105 1.50 13.42 42.81
N ASP B 106 0.95 14.55 42.39
CA ASP B 106 -0.25 14.44 41.57
C ASP B 106 -0.08 14.91 40.13
N GLY B 107 1.17 14.99 39.71
CA GLY B 107 1.46 15.33 38.31
C GLY B 107 1.59 16.78 37.92
N PHE B 108 2.22 17.04 36.77
CA PHE B 108 2.39 18.38 36.24
C PHE B 108 1.33 18.68 35.22
N VAL B 109 0.74 17.62 34.64
CA VAL B 109 -0.29 17.82 33.62
C VAL B 109 -1.42 16.81 33.90
N LYS B 110 -2.61 17.06 33.35
CA LYS B 110 -3.70 16.15 33.62
C LYS B 110 -3.41 14.77 33.06
N GLY B 111 -3.99 13.77 33.71
CA GLY B 111 -3.79 12.41 33.17
C GLY B 111 -2.48 11.78 33.59
N ILE B 112 -1.60 12.49 34.33
CA ILE B 112 -0.38 11.86 34.81
C ILE B 112 -0.40 12.00 36.35
N GLY B 113 0.00 10.96 37.04
CA GLY B 113 0.04 10.94 38.51
C GLY B 113 1.43 11.38 38.99
N ASP B 114 1.99 10.68 39.98
CA ASP B 114 3.29 11.03 40.54
C ASP B 114 4.35 11.14 39.44
N ALA B 115 5.02 12.30 39.42
CA ALA B 115 5.97 12.57 38.35
C ALA B 115 7.14 13.38 38.82
N LEU B 116 8.29 13.12 38.21
CA LEU B 116 9.50 13.89 38.53
C LEU B 116 9.95 14.63 37.29
N ARG B 117 10.13 15.94 37.36
CA ARG B 117 10.72 16.65 36.20
C ARG B 117 12.11 17.09 36.64
N VAL B 118 13.03 17.10 35.69
CA VAL B 118 14.43 17.47 36.00
C VAL B 118 15.00 18.31 34.90
N GLU B 119 15.98 19.15 35.24
CA GLU B 119 16.75 19.86 34.23
C GLU B 119 17.96 18.93 34.16
N ASP B 120 18.03 18.11 33.11
CA ASP B 120 19.08 17.09 33.01
C ASP B 120 20.48 17.64 32.73
N PRO B 121 21.51 16.80 32.73
CA PRO B 121 22.86 17.34 32.49
C PRO B 121 23.13 18.03 31.17
N LEU B 122 22.29 17.78 30.18
CA LEU B 122 22.48 18.40 28.88
C LEU B 122 21.49 19.55 28.76
N GLY B 123 20.80 19.88 29.85
CA GLY B 123 19.91 21.03 29.85
C GLY B 123 18.49 20.74 29.42
N PHE B 124 18.16 19.46 29.28
CA PHE B 124 16.82 19.12 28.82
C PHE B 124 15.81 18.86 29.91
N PRO B 125 14.53 19.28 29.69
CA PRO B 125 13.50 19.04 30.71
C PRO B 125 12.93 17.64 30.57
N TYR B 126 13.50 16.66 31.24
CA TYR B 126 12.98 15.28 31.19
C TYR B 126 11.93 15.08 32.26
N GLU B 127 10.92 14.28 31.99
CA GLU B 127 9.96 13.92 33.05
C GLU B 127 10.00 12.39 33.14
N PHE B 128 9.84 11.86 34.37
CA PHE B 128 9.70 10.41 34.58
C PHE B 128 8.43 10.19 35.36
N PHE B 129 7.62 9.25 34.92
CA PHE B 129 6.36 8.95 35.62
C PHE B 129 5.96 7.51 35.37
N PHE B 130 5.14 6.97 36.27
CA PHE B 130 4.56 5.67 36.02
C PHE B 130 3.04 5.85 35.92
N GLU B 131 2.42 6.51 36.92
CA GLU B 131 0.96 6.62 36.97
C GLU B 131 0.37 7.44 35.88
N THR B 132 -0.66 6.91 35.22
CA THR B 132 -1.33 7.68 34.18
C THR B 132 -2.73 7.16 34.04
N THR B 133 -3.67 8.04 33.67
CA THR B 133 -5.07 7.67 33.47
C THR B 133 -5.21 6.85 32.17
N HIS B 134 -5.69 5.63 32.24
CA HIS B 134 -5.89 4.90 30.98
C HIS B 134 -7.14 5.41 30.28
N VAL B 135 -7.12 5.38 28.95
CA VAL B 135 -8.26 5.81 28.15
C VAL B 135 -8.59 4.72 27.10
N GLU B 136 -9.67 4.95 26.34
CA GLU B 136 -10.06 3.99 25.34
C GLU B 136 -8.94 3.79 24.29
N ARG B 137 -8.38 2.57 24.18
CA ARG B 137 -7.37 2.33 23.14
C ARG B 137 -8.10 2.26 21.83
N LEU B 138 -7.75 3.14 20.88
CA LEU B 138 -8.51 3.27 19.64
C LEU B 138 -8.04 2.39 18.48
N HIS B 139 -7.24 1.37 18.79
CA HIS B 139 -6.59 0.61 17.69
C HIS B 139 -7.44 -0.16 16.71
N MET B 140 -8.67 -0.43 17.12
CA MET B 140 -9.62 -1.11 16.22
C MET B 140 -10.79 -0.20 15.86
N ARG B 141 -10.64 1.08 16.20
CA ARG B 141 -11.71 2.04 15.83
C ARG B 141 -11.56 2.52 14.42
N TYR B 142 -11.73 1.59 13.47
CA TYR B 142 -11.60 1.93 12.07
C TYR B 142 -12.68 2.90 11.54
N ASP B 143 -13.72 3.13 12.34
CA ASP B 143 -14.70 4.12 11.98
C ASP B 143 -14.12 5.50 12.20
N LEU B 144 -13.00 5.63 12.91
CA LEU B 144 -12.38 6.95 13.14
C LEU B 144 -11.05 7.11 12.37
N TYR B 145 -10.59 6.02 11.78
CA TYR B 145 -9.29 5.98 11.09
C TYR B 145 -9.20 6.90 9.86
N SER B 146 -8.22 7.81 9.91
CA SER B 146 -8.06 8.70 8.78
C SER B 146 -7.02 8.15 7.76
N ALA B 147 -7.05 8.64 6.52
CA ALA B 147 -6.13 8.12 5.49
C ALA B 147 -4.67 8.39 5.85
N GLY B 148 -4.48 9.31 6.80
CA GLY B 148 -3.08 9.62 7.22
C GLY B 148 -2.87 9.34 8.69
N GLU B 149 -3.59 8.35 9.23
CA GLU B 149 -3.55 8.13 10.69
C GLU B 149 -2.18 7.94 11.40
N LEU B 150 -1.97 8.76 12.42
CA LEU B 150 -0.75 8.62 13.25
C LEU B 150 -1.08 7.57 14.32
N VAL B 151 -0.35 6.46 14.31
CA VAL B 151 -0.69 5.34 15.17
C VAL B 151 0.03 5.16 16.48
N ARG B 152 1.30 5.63 16.56
CA ARG B 152 2.04 5.57 17.79
C ARG B 152 2.98 6.79 17.89
N LEU B 153 3.32 7.16 19.12
CA LEU B 153 4.43 8.12 19.37
C LEU B 153 5.65 7.21 19.42
N ASP B 154 6.73 7.58 18.71
CA ASP B 154 7.91 6.76 18.74
C ASP B 154 9.13 7.36 19.44
N HIS B 155 9.49 8.60 19.17
CA HIS B 155 10.75 9.09 19.74
C HIS B 155 10.93 10.60 19.73
N PHE B 156 11.96 11.01 20.47
CA PHE B 156 12.38 12.43 20.50
C PHE B 156 13.75 12.47 19.79
N ASN B 157 14.20 13.65 19.41
CA ASN B 157 15.54 13.77 18.80
C ASN B 157 16.03 15.13 19.37
N GLN B 158 17.16 15.04 20.06
CA GLN B 158 17.77 16.17 20.79
C GLN B 158 19.01 16.72 20.14
N VAL B 159 19.17 18.05 20.16
CA VAL B 159 20.42 18.65 19.63
C VAL B 159 21.26 19.14 20.85
N THR B 160 22.52 18.73 20.88
CA THR B 160 23.42 19.07 22.00
C THR B 160 24.85 19.26 21.44
N PRO B 161 25.65 20.13 22.06
CA PRO B 161 27.00 20.36 21.54
C PRO B 161 28.01 19.21 21.60
N ASP B 162 27.90 18.34 22.61
CA ASP B 162 28.90 17.27 22.82
C ASP B 162 28.19 15.93 22.88
N VAL B 163 28.09 15.30 21.74
CA VAL B 163 27.35 14.02 21.69
C VAL B 163 28.01 12.90 22.51
N PRO B 164 29.36 12.71 22.42
CA PRO B 164 29.97 11.63 23.24
C PRO B 164 29.65 11.80 24.74
N ARG B 165 29.71 13.05 25.20
CA ARG B 165 29.40 13.33 26.62
C ARG B 165 27.97 12.92 26.95
N GLY B 166 27.04 13.28 26.05
CA GLY B 166 25.65 12.89 26.30
C GLY B 166 25.42 11.40 26.10
N ARG B 167 26.12 10.78 25.17
CA ARG B 167 25.92 9.36 24.93
C ARG B 167 26.29 8.52 26.17
N LYS B 168 27.40 8.86 26.83
CA LYS B 168 27.82 8.10 28.02
C LYS B 168 26.75 8.24 29.12
N TYR B 169 26.20 9.44 29.30
CA TYR B 169 25.17 9.66 30.33
C TYR B 169 23.89 8.82 29.99
N LEU B 170 23.50 8.81 28.72
CA LEU B 170 22.30 8.04 28.40
C LEU B 170 22.52 6.53 28.50
N GLU B 171 23.75 6.07 28.19
CA GLU B 171 24.02 4.63 28.28
C GLU B 171 24.01 4.24 29.74
N ASP B 172 24.51 5.12 30.60
CA ASP B 172 24.48 4.82 32.04
C ASP B 172 23.04 4.73 32.52
N LEU B 173 22.14 5.52 31.91
CA LEU B 173 20.74 5.51 32.28
C LEU B 173 20.00 4.29 31.71
N GLY B 174 20.69 3.49 30.90
CA GLY B 174 20.13 2.25 30.36
C GLY B 174 19.75 2.23 28.87
N PHE B 175 19.86 3.37 28.21
CA PHE B 175 19.53 3.39 26.77
C PHE B 175 20.62 2.63 26.01
N ARG B 176 20.22 1.93 24.96
CA ARG B 176 21.20 1.15 24.21
C ARG B 176 21.31 1.76 22.80
N VAL B 177 22.54 1.98 22.35
CA VAL B 177 22.74 2.55 21.00
C VAL B 177 22.55 1.49 19.92
N THR B 178 21.65 1.76 18.97
CA THR B 178 21.32 0.83 17.90
C THR B 178 22.04 1.22 16.61
N GLU B 179 22.23 2.53 16.41
CA GLU B 179 22.92 3.08 15.23
C GLU B 179 23.65 4.34 15.64
N ASP B 180 24.79 4.58 14.98
CA ASP B 180 25.52 5.82 15.24
C ASP B 180 26.27 6.26 13.98
N ILE B 181 26.78 7.48 14.05
CA ILE B 181 27.56 8.02 12.98
C ILE B 181 28.92 8.33 13.62
N GLN B 182 29.97 7.84 12.98
CA GLN B 182 31.34 8.06 13.51
C GLN B 182 32.28 8.47 12.39
N ASP B 183 33.42 9.04 12.77
CA ASP B 183 34.43 9.41 11.75
C ASP B 183 35.49 8.30 11.79
N ASP B 184 36.53 8.40 10.95
CA ASP B 184 37.59 7.37 10.90
C ASP B 184 38.29 7.12 12.25
N GLU B 185 38.37 8.13 13.10
CA GLU B 185 38.99 7.94 14.42
C GLU B 185 38.07 7.17 15.38
N GLY B 186 36.78 7.05 15.06
CA GLY B 186 35.88 6.34 15.96
C GLY B 186 35.11 7.26 16.89
N THR B 187 35.21 8.55 16.66
CA THR B 187 34.51 9.53 17.44
C THR B 187 33.03 9.54 17.01
N THR B 188 32.14 9.57 17.98
CA THR B 188 30.68 9.58 17.70
C THR B 188 30.19 11.01 17.43
N TYR B 189 29.49 11.18 16.32
CA TYR B 189 28.90 12.47 15.94
C TYR B 189 27.38 12.53 16.17
N ALA B 190 26.72 11.37 16.19
CA ALA B 190 25.26 11.34 16.40
C ALA B 190 24.98 9.92 16.84
N ALA B 191 23.98 9.71 17.71
CA ALA B 191 23.65 8.34 18.14
C ALA B 191 22.16 8.19 18.34
N TRP B 192 21.65 7.01 18.05
CA TRP B 192 20.19 6.67 18.19
C TRP B 192 20.13 5.62 19.33
N MET B 193 19.26 5.85 20.29
CA MET B 193 19.27 4.92 21.44
C MET B 193 17.87 4.59 21.92
N HIS B 194 17.74 3.35 22.39
CA HIS B 194 16.43 2.86 22.72
C HIS B 194 16.33 2.19 24.07
N ARG B 195 15.06 2.11 24.49
CA ARG B 195 14.66 1.25 25.64
C ARG B 195 13.58 0.25 25.21
N LYS B 196 12.69 0.66 24.30
CA LYS B 196 11.53 -0.20 23.98
C LYS B 196 11.68 -1.25 22.90
N GLY B 197 12.84 -1.30 22.25
CA GLY B 197 13.00 -2.34 21.24
C GLY B 197 12.81 -1.93 19.80
N THR B 198 12.66 -0.64 19.56
CA THR B 198 12.67 -0.12 18.17
C THR B 198 14.05 0.59 17.99
N VAL B 199 14.27 1.25 16.84
CA VAL B 199 15.58 1.89 16.66
C VAL B 199 15.89 2.87 17.75
N HIS B 200 14.89 3.62 18.22
CA HIS B 200 15.22 4.56 19.27
C HIS B 200 14.00 5.13 20.03
N ASP B 201 14.26 5.64 21.24
CA ASP B 201 13.30 6.38 22.04
C ASP B 201 13.79 7.85 22.06
N THR B 202 15.11 8.05 22.00
CA THR B 202 15.66 9.39 21.79
C THR B 202 16.95 9.27 20.94
N ALA B 203 17.43 10.40 20.43
CA ALA B 203 18.66 10.42 19.65
C ALA B 203 19.33 11.72 20.00
N LEU B 204 20.65 11.69 19.89
CA LEU B 204 21.47 12.90 20.13
C LEU B 204 22.16 13.25 18.83
N THR B 205 22.04 14.50 18.44
CA THR B 205 22.74 14.95 17.22
C THR B 205 23.49 16.20 17.64
N GLY B 206 24.61 16.43 16.97
CA GLY B 206 25.46 17.57 17.36
C GLY B 206 25.03 18.93 16.85
N GLY B 207 25.08 19.93 17.75
CA GLY B 207 24.78 21.31 17.39
C GLY B 207 24.58 22.17 18.62
N ASN B 208 24.25 23.43 18.43
CA ASN B 208 24.00 24.30 19.53
C ASN B 208 22.79 23.77 20.31
N GLY B 209 22.89 23.78 21.63
CA GLY B 209 21.83 23.20 22.41
C GLY B 209 21.84 23.69 23.85
N PRO B 210 20.89 23.27 24.68
CA PRO B 210 19.82 22.30 24.30
C PRO B 210 18.72 22.82 23.40
N ARG B 211 18.38 22.03 22.35
CA ARG B 211 17.21 22.34 21.51
C ARG B 211 16.59 20.99 21.16
N LEU B 212 15.28 20.98 20.93
CA LEU B 212 14.58 19.74 20.54
C LEU B 212 14.46 19.76 19.04
N HIS B 213 15.11 18.83 18.33
CA HIS B 213 14.99 18.79 16.91
C HIS B 213 13.59 18.40 16.46
N HIS B 214 13.04 17.32 17.04
CA HIS B 214 11.65 16.94 16.65
C HIS B 214 11.11 15.88 17.59
N VAL B 215 9.79 15.68 17.48
CA VAL B 215 9.07 14.54 18.13
C VAL B 215 8.56 13.72 16.94
N ALA B 216 8.54 12.40 17.05
CA ALA B 216 8.13 11.59 15.87
C ALA B 216 6.98 10.62 16.16
N PHE B 217 6.07 10.54 15.22
CA PHE B 217 4.97 9.55 15.30
C PHE B 217 5.12 8.61 14.12
N SER B 218 4.56 7.39 14.22
CA SER B 218 4.59 6.50 13.05
C SER B 218 3.18 6.29 12.50
N THR B 219 3.15 5.79 11.27
CA THR B 219 1.90 5.41 10.61
C THR B 219 1.97 3.90 10.37
N HIS B 220 0.85 3.28 10.03
CA HIS B 220 0.93 1.84 9.73
C HIS B 220 1.72 1.54 8.43
N GLU B 221 1.50 2.33 7.38
CA GLU B 221 2.11 2.03 6.09
C GLU B 221 2.57 3.31 5.39
N LYS B 222 3.32 3.13 4.30
CA LYS B 222 3.86 4.28 3.56
C LYS B 222 2.80 5.14 2.95
N HIS B 223 1.73 4.54 2.45
CA HIS B 223 0.70 5.36 1.80
C HIS B 223 0.09 6.36 2.78
N ASN B 224 0.10 6.07 4.09
CA ASN B 224 -0.43 7.03 5.06
C ASN B 224 0.41 8.31 5.07
N ILE B 225 1.73 8.18 4.93
CA ILE B 225 2.62 9.35 4.90
C ILE B 225 2.44 10.14 3.61
N ILE B 226 2.25 9.45 2.47
CA ILE B 226 2.01 10.13 1.23
C ILE B 226 0.71 10.95 1.32
N GLN B 227 -0.29 10.38 1.99
CA GLN B 227 -1.60 11.09 2.14
C GLN B 227 -1.44 12.34 2.97
N ILE B 228 -0.59 12.35 3.99
CA ILE B 228 -0.40 13.60 4.74
C ILE B 228 0.12 14.72 3.79
N CYS B 229 1.12 14.39 2.95
CA CYS B 229 1.62 15.38 1.96
C CYS B 229 0.50 15.81 1.02
N ASP B 230 -0.27 14.84 0.53
CA ASP B 230 -1.35 15.16 -0.40
C ASP B 230 -2.41 16.07 0.24
N LYS B 231 -2.77 15.81 1.48
CA LYS B 231 -3.79 16.61 2.18
C LYS B 231 -3.21 18.02 2.43
N MET B 232 -1.93 18.10 2.80
CA MET B 232 -1.35 19.42 3.00
C MET B 232 -1.32 20.22 1.67
N GLY B 233 -1.06 19.58 0.56
CA GLY B 233 -1.09 20.25 -0.74
C GLY B 233 -2.52 20.78 -1.00
N ALA B 234 -3.53 19.96 -0.76
CA ALA B 234 -4.95 20.39 -0.99
C ALA B 234 -5.34 21.54 -0.06
N LEU B 235 -4.76 21.56 1.15
CA LEU B 235 -5.12 22.64 2.09
C LEU B 235 -4.23 23.87 1.83
N ARG B 236 -3.34 23.79 0.84
CA ARG B 236 -2.44 24.92 0.45
C ARG B 236 -1.50 25.28 1.62
N ILE B 237 -1.10 24.26 2.37
CA ILE B 237 -0.11 24.44 3.44
C ILE B 237 1.14 23.56 3.15
N SER B 238 1.43 23.36 1.85
CA SER B 238 2.58 22.53 1.46
C SER B 238 3.85 23.20 1.89
N ASP B 239 3.81 24.52 2.10
CA ASP B 239 5.05 25.14 2.57
C ASP B 239 5.46 24.75 3.99
N ARG B 240 4.59 24.01 4.69
CA ARG B 240 4.90 23.52 6.02
C ARG B 240 5.54 22.12 5.94
N ILE B 241 5.73 21.60 4.72
CA ILE B 241 6.41 20.32 4.55
C ILE B 241 7.87 20.72 4.42
N GLU B 242 8.68 20.32 5.38
CA GLU B 242 10.07 20.69 5.36
C GLU B 242 11.01 19.78 4.63
N ARG B 243 10.87 18.46 4.85
CA ARG B 243 11.80 17.54 4.20
C ARG B 243 11.10 16.20 4.00
N GLY B 244 11.34 15.57 2.85
CA GLY B 244 10.76 14.27 2.55
C GLY B 244 9.58 14.41 1.62
N PRO B 245 8.90 13.31 1.35
CA PRO B 245 9.19 11.96 1.87
C PRO B 245 10.52 11.41 1.35
N GLY B 246 11.15 10.58 2.20
CA GLY B 246 12.39 9.98 1.75
C GLY B 246 12.64 8.75 2.59
N ARG B 247 13.78 8.11 2.34
CA ARG B 247 14.19 6.93 3.18
C ARG B 247 15.50 7.31 3.85
N HIS B 248 15.56 7.24 5.19
CA HIS B 248 16.81 7.53 5.87
C HIS B 248 17.70 6.29 5.81
N GLY B 249 19.02 6.47 5.67
CA GLY B 249 19.88 5.28 5.78
C GLY B 249 19.86 4.94 7.26
N VAL B 250 20.34 5.84 8.14
CA VAL B 250 20.23 5.60 9.60
C VAL B 250 18.75 5.43 9.98
N SER B 251 18.44 4.26 10.54
CA SER B 251 17.13 3.81 11.01
C SER B 251 16.28 3.14 9.95
N ASN B 252 16.60 3.26 8.67
CA ASN B 252 15.85 2.62 7.60
C ASN B 252 14.39 3.06 7.55
N ALA B 253 14.12 4.25 8.09
CA ALA B 253 12.73 4.74 8.17
C ALA B 253 12.31 5.46 6.89
N PHE B 254 11.06 5.28 6.49
CA PHE B 254 10.47 6.03 5.35
C PHE B 254 9.88 7.26 6.15
N TYR B 255 10.41 8.46 5.86
CA TYR B 255 10.11 9.63 6.69
C TYR B 255 9.50 10.83 6.01
N LEU B 256 8.93 11.68 6.89
CA LEU B 256 8.42 13.00 6.46
C LEU B 256 8.62 13.95 7.65
N TYR B 257 9.10 15.21 7.40
CA TYR B 257 9.19 16.20 8.48
C TYR B 257 8.33 17.39 8.11
N ILE B 258 7.45 17.76 9.01
CA ILE B 258 6.56 18.92 8.80
C ILE B 258 6.69 19.87 9.98
N LEU B 259 6.22 21.13 9.80
CA LEU B 259 6.36 22.15 10.83
C LEU B 259 5.01 22.64 11.33
N ASP B 260 4.85 22.68 12.64
CA ASP B 260 3.63 23.15 13.26
C ASP B 260 3.58 24.72 13.23
N PRO B 261 2.48 25.29 13.69
CA PRO B 261 2.37 26.76 13.62
C PRO B 261 3.39 27.57 14.36
N ASP B 262 4.07 26.95 15.32
CA ASP B 262 5.13 27.65 16.05
C ASP B 262 6.50 27.17 15.57
N ASN B 263 6.52 26.47 14.42
CA ASN B 263 7.72 25.93 13.82
C ASN B 263 8.31 24.73 14.52
N HIS B 264 7.56 24.11 15.45
CA HIS B 264 8.07 22.87 16.08
C HIS B 264 8.03 21.81 14.96
N ARG B 265 9.09 21.00 14.89
CA ARG B 265 9.20 19.98 13.83
C ARG B 265 8.62 18.65 14.31
N ILE B 266 7.72 18.10 13.46
CA ILE B 266 7.11 16.77 13.73
C ILE B 266 7.58 15.83 12.63
N GLU B 267 8.09 14.64 13.01
CA GLU B 267 8.44 13.66 12.00
C GLU B 267 7.31 12.65 11.98
N ILE B 268 6.92 12.22 10.79
CA ILE B 268 5.97 11.09 10.71
C ILE B 268 6.76 10.05 9.89
N TYR B 269 6.86 8.79 10.39
CA TYR B 269 7.63 7.84 9.58
C TYR B 269 6.94 6.50 9.69
N THR B 270 7.46 5.56 8.92
CA THR B 270 6.98 4.18 9.04
C THR B 270 8.16 3.24 8.76
N GLN B 271 8.07 2.05 9.31
CA GLN B 271 9.00 0.94 9.16
C GLN B 271 10.01 0.99 10.25
N ASP B 272 9.97 -0.01 11.09
CA ASP B 272 10.94 -0.07 12.18
C ASP B 272 11.52 -1.43 12.12
N TYR B 273 12.49 -1.71 12.96
CA TYR B 273 12.96 -3.11 13.02
C TYR B 273 13.24 -3.39 14.50
N TYR B 274 13.33 -4.66 14.85
CA TYR B 274 13.52 -5.05 16.24
C TYR B 274 14.94 -4.93 16.78
N THR B 275 15.07 -4.26 17.93
CA THR B 275 16.36 -4.04 18.49
C THR B 275 16.46 -4.59 19.90
N GLY B 276 15.43 -5.31 20.37
CA GLY B 276 15.40 -5.74 21.76
C GLY B 276 16.44 -6.75 22.26
N ASP B 277 17.19 -7.41 21.39
CA ASP B 277 18.18 -8.38 21.93
C ASP B 277 19.37 -7.56 22.48
N PRO B 278 19.95 -8.02 23.58
CA PRO B 278 21.04 -7.25 24.19
C PRO B 278 22.29 -7.07 23.43
N ASP B 279 22.49 -7.96 22.49
CA ASP B 279 23.66 -7.86 21.62
C ASP B 279 23.23 -7.45 20.20
N ASN B 280 22.10 -6.73 20.12
CA ASN B 280 21.67 -6.20 18.81
C ASN B 280 22.89 -5.59 18.14
N PRO B 281 23.14 -5.91 16.86
CA PRO B 281 24.35 -5.32 16.24
C PRO B 281 24.24 -3.82 16.04
N THR B 282 25.15 -3.04 16.60
CA THR B 282 25.08 -1.59 16.37
C THR B 282 25.53 -1.32 14.95
N ILE B 283 24.81 -0.46 14.23
CA ILE B 283 25.18 -0.10 12.88
C ILE B 283 25.91 1.26 12.92
N THR B 284 27.18 1.26 12.51
CA THR B 284 27.96 2.49 12.50
C THR B 284 28.09 2.98 11.07
N TRP B 285 27.63 4.22 10.88
CA TRP B 285 27.69 4.84 9.57
C TRP B 285 28.85 5.81 9.55
N ASN B 286 29.59 5.83 8.43
CA ASN B 286 30.68 6.79 8.37
C ASN B 286 30.17 8.21 8.08
N VAL B 287 30.82 9.20 8.67
CA VAL B 287 30.40 10.58 8.52
C VAL B 287 30.42 11.13 7.07
N HIS B 288 31.15 10.46 6.18
CA HIS B 288 31.21 10.82 4.75
C HIS B 288 30.29 9.99 3.85
N ASP B 289 29.50 9.09 4.43
CA ASP B 289 28.59 8.26 3.63
C ASP B 289 27.27 9.02 3.49
N ASN B 290 26.99 9.62 2.33
CA ASN B 290 25.76 10.41 2.14
C ASN B 290 24.48 9.57 2.30
N GLN B 291 24.60 8.25 2.14
CA GLN B 291 23.37 7.47 2.27
C GLN B 291 22.94 7.36 3.69
N ARG B 292 23.77 7.82 4.62
CA ARG B 292 23.35 7.75 6.01
C ARG B 292 22.16 8.72 6.19
N ARG B 293 22.13 9.80 5.40
CA ARG B 293 21.05 10.79 5.54
C ARG B 293 19.89 10.48 4.63
N ASP B 294 20.20 10.20 3.39
CA ASP B 294 19.12 9.88 2.44
C ASP B 294 19.59 8.75 1.58
N TRP B 295 18.89 7.61 1.74
CA TRP B 295 19.17 6.40 1.00
C TRP B 295 18.98 6.62 -0.50
N TRP B 296 18.06 7.53 -0.88
CA TRP B 296 17.83 7.79 -2.28
C TRP B 296 18.63 8.98 -2.84
N GLY B 297 19.35 9.67 -1.98
CA GLY B 297 20.14 10.83 -2.38
C GLY B 297 19.34 12.15 -2.49
N ASN B 298 18.13 12.20 -1.90
CA ASN B 298 17.24 13.41 -1.88
C ASN B 298 18.10 14.62 -1.53
N PRO B 299 17.84 15.78 -2.17
CA PRO B 299 18.69 16.91 -1.83
C PRO B 299 18.55 17.38 -0.38
N VAL B 300 19.64 17.98 0.07
CA VAL B 300 19.69 18.51 1.42
C VAL B 300 18.77 19.73 1.60
N VAL B 301 18.08 19.77 2.75
CA VAL B 301 17.22 20.88 3.12
C VAL B 301 18.00 21.63 4.28
N PRO B 302 18.56 22.83 4.02
CA PRO B 302 19.31 23.57 5.02
C PRO B 302 18.65 23.77 6.38
N SER B 303 17.37 24.12 6.39
CA SER B 303 16.72 24.38 7.68
C SER B 303 16.73 23.16 8.60
N TRP B 304 16.76 21.94 8.03
CA TRP B 304 16.76 20.77 8.89
C TRP B 304 18.02 20.70 9.76
N TYR B 305 19.09 21.36 9.33
CA TYR B 305 20.34 21.37 10.10
C TYR B 305 20.52 22.63 10.90
N THR B 306 19.70 23.64 10.70
CA THR B 306 19.89 24.86 11.47
C THR B 306 18.81 25.16 12.49
N GLU B 307 17.59 24.71 12.22
CA GLU B 307 16.47 25.00 13.11
C GLU B 307 16.09 23.85 14.03
N ALA B 308 15.81 24.20 15.28
CA ALA B 308 15.35 23.25 16.31
C ALA B 308 14.69 24.07 17.42
N SER B 309 13.74 23.46 18.15
CA SER B 309 12.97 24.13 19.16
C SER B 309 13.73 24.47 20.42
N LYS B 310 13.38 25.60 21.01
CA LYS B 310 13.97 25.98 22.29
C LYS B 310 13.38 25.00 23.33
N VAL B 311 14.00 24.89 24.49
CA VAL B 311 13.48 24.07 25.57
C VAL B 311 13.41 24.94 26.82
N LEU B 312 12.49 24.62 27.70
CA LEU B 312 12.32 25.39 28.94
C LEU B 312 12.98 24.77 30.16
N ASP B 313 13.33 25.64 31.13
CA ASP B 313 13.85 25.16 32.39
C ASP B 313 12.62 24.94 33.31
N LEU B 314 12.83 24.59 34.59
CA LEU B 314 11.71 24.31 35.46
C LEU B 314 10.88 25.52 35.90
N ASP B 315 11.35 26.73 35.57
CA ASP B 315 10.57 27.93 35.87
C ASP B 315 9.80 28.38 34.67
N GLY B 316 9.88 27.62 33.58
CA GLY B 316 9.16 28.01 32.38
C GLY B 316 9.90 29.04 31.50
N ASN B 317 11.19 29.26 31.77
CA ASN B 317 11.97 30.22 30.98
C ASN B 317 12.88 29.45 30.01
N VAL B 318 13.16 30.02 28.86
CA VAL B 318 13.98 29.32 27.89
C VAL B 318 15.39 29.05 28.37
N GLN B 319 15.86 27.82 28.18
CA GLN B 319 17.25 27.45 28.54
C GLN B 319 18.24 28.11 27.62
N GLU B 320 19.30 28.70 28.21
CA GLU B 320 20.29 29.32 27.37
C GLU B 320 20.87 28.28 26.41
N ILE B 321 21.01 28.68 25.16
CA ILE B 321 21.52 27.77 24.14
C ILE B 321 23.02 27.91 23.93
N ILE B 322 23.75 26.85 24.28
CA ILE B 322 25.19 26.74 24.10
C ILE B 322 25.34 26.05 22.71
N GLU C 4 -32.75 -15.04 -32.19
CA GLU C 4 -31.65 -14.05 -32.34
C GLU C 4 -32.20 -12.66 -32.40
N ILE C 5 -31.44 -11.72 -31.84
CA ILE C 5 -31.84 -10.31 -31.89
C ILE C 5 -31.12 -9.87 -33.14
N PRO C 6 -31.87 -9.41 -34.16
CA PRO C 6 -31.22 -8.98 -35.40
C PRO C 6 -30.40 -7.72 -35.30
N LYS C 7 -29.38 -7.58 -36.13
CA LYS C 7 -28.56 -6.37 -36.14
C LYS C 7 -29.33 -5.32 -36.96
N PRO C 8 -29.69 -4.19 -36.33
CA PRO C 8 -30.43 -3.14 -37.02
C PRO C 8 -29.65 -2.58 -38.17
N VAL C 9 -30.39 -2.00 -39.12
CA VAL C 9 -29.75 -1.33 -40.22
C VAL C 9 -29.30 0.07 -39.69
N ALA C 10 -30.10 0.65 -38.81
CA ALA C 10 -29.78 1.94 -38.22
C ALA C 10 -28.44 1.83 -37.49
N PRO C 11 -27.58 2.87 -37.58
CA PRO C 11 -26.26 2.85 -36.91
C PRO C 11 -26.40 2.87 -35.38
N ALA C 12 -25.52 2.14 -34.70
CA ALA C 12 -25.59 2.14 -33.23
C ALA C 12 -25.07 3.47 -32.70
N PRO C 13 -25.59 3.87 -31.54
CA PRO C 13 -25.13 5.13 -30.92
C PRO C 13 -23.70 4.77 -30.47
N ASP C 14 -22.81 5.78 -30.45
CA ASP C 14 -21.40 5.63 -30.02
C ASP C 14 -21.41 5.81 -28.49
N ILE C 15 -21.32 4.69 -27.79
CA ILE C 15 -21.38 4.66 -26.32
C ILE C 15 -19.97 4.90 -25.76
N LEU C 16 -19.85 5.89 -24.87
CA LEU C 16 -18.57 6.11 -24.21
C LEU C 16 -18.27 5.16 -23.04
N ARG C 17 -19.23 4.98 -22.14
CA ARG C 17 -18.97 4.26 -20.91
C ARG C 17 -20.24 4.18 -20.05
N CYS C 18 -20.24 3.25 -19.10
N CYS C 18 -20.17 3.28 -19.07
CA CYS C 18 -21.31 3.27 -18.10
CA CYS C 18 -21.11 3.17 -17.97
C CYS C 18 -21.04 4.58 -17.35
C CYS C 18 -21.01 4.55 -17.24
N ALA C 19 -22.14 5.23 -16.97
CA ALA C 19 -22.05 6.56 -16.33
C ALA C 19 -22.75 6.70 -15.00
N TYR C 20 -23.97 6.15 -14.86
CA TYR C 20 -24.63 6.17 -13.55
C TYR C 20 -25.73 5.15 -13.44
N ALA C 21 -26.13 4.82 -12.21
CA ALA C 21 -27.28 3.97 -12.01
C ALA C 21 -28.27 4.73 -11.13
N GLU C 22 -29.57 4.49 -11.39
CA GLU C 22 -30.62 5.05 -10.52
C GLU C 22 -31.20 3.84 -9.78
N LEU C 23 -31.07 3.81 -8.46
CA LEU C 23 -31.58 2.72 -7.67
C LEU C 23 -32.76 3.21 -6.84
N VAL C 24 -33.87 2.46 -6.81
CA VAL C 24 -34.96 2.81 -5.88
C VAL C 24 -34.62 2.19 -4.54
N VAL C 25 -34.73 3.00 -3.49
CA VAL C 25 -34.45 2.57 -2.15
C VAL C 25 -35.69 2.85 -1.31
N THR C 26 -35.87 2.08 -0.25
CA THR C 26 -37.08 2.26 0.59
C THR C 26 -37.02 3.25 1.74
N ASP C 27 -35.84 3.46 2.34
CA ASP C 27 -35.70 4.41 3.47
C ASP C 27 -34.50 5.26 3.06
N LEU C 28 -34.77 6.47 2.55
CA LEU C 28 -33.73 7.35 2.04
C LEU C 28 -32.68 7.69 3.06
N ALA C 29 -33.08 7.93 4.30
CA ALA C 29 -32.08 8.22 5.34
C ALA C 29 -31.17 7.02 5.66
N LYS C 30 -31.71 5.81 5.69
CA LYS C 30 -30.85 4.64 6.01
C LYS C 30 -29.92 4.44 4.80
N SER C 31 -30.43 4.66 3.58
CA SER C 31 -29.56 4.48 2.37
C SER C 31 -28.46 5.59 2.41
N ARG C 32 -28.80 6.82 2.78
CA ARG C 32 -27.77 7.88 2.86
C ARG C 32 -26.70 7.50 3.90
N ASN C 33 -27.09 6.91 5.01
CA ASN C 33 -26.10 6.52 6.02
C ASN C 33 -25.10 5.55 5.39
N PHE C 34 -25.59 4.61 4.60
CA PHE C 34 -24.69 3.64 3.99
C PHE C 34 -23.79 4.25 2.92
N TYR C 35 -24.37 4.96 1.93
CA TYR C 35 -23.54 5.43 0.78
C TYR C 35 -22.70 6.63 1.12
N VAL C 36 -23.17 7.49 2.02
CA VAL C 36 -22.41 8.67 2.44
C VAL C 36 -21.59 8.47 3.70
N ASP C 37 -22.20 8.09 4.82
CA ASP C 37 -21.42 8.00 6.04
C ASP C 37 -20.53 6.80 6.06
N VAL C 38 -21.01 5.64 5.56
CA VAL C 38 -20.13 4.48 5.59
C VAL C 38 -19.19 4.47 4.39
N LEU C 39 -19.71 4.61 3.17
CA LEU C 39 -18.85 4.54 2.00
C LEU C 39 -18.18 5.82 1.53
N GLY C 40 -18.65 6.95 2.02
CA GLY C 40 -18.00 8.22 1.69
C GLY C 40 -18.22 8.83 0.31
N LEU C 41 -19.27 8.38 -0.43
CA LEU C 41 -19.54 8.98 -1.72
C LEU C 41 -19.94 10.48 -1.51
N HIS C 42 -19.74 11.29 -2.56
CA HIS C 42 -19.97 12.75 -2.42
C HIS C 42 -21.35 13.19 -2.92
N VAL C 43 -22.01 14.04 -2.12
CA VAL C 43 -23.34 14.48 -2.49
C VAL C 43 -23.32 15.65 -3.45
N SER C 44 -23.81 15.45 -4.65
CA SER C 44 -23.92 16.52 -5.64
C SER C 44 -25.19 17.34 -5.33
N TYR C 45 -26.26 16.64 -4.98
CA TYR C 45 -27.56 17.29 -4.73
C TYR C 45 -28.41 16.35 -3.96
N GLU C 46 -29.25 16.88 -3.07
CA GLU C 46 -30.19 15.97 -2.42
C GLU C 46 -31.42 16.73 -1.93
N ASP C 47 -32.50 15.98 -1.80
CA ASP C 47 -33.78 16.52 -1.25
C ASP C 47 -34.48 15.39 -0.51
N GLU C 48 -35.77 15.57 -0.13
CA GLU C 48 -36.43 14.55 0.64
C GLU C 48 -36.79 13.29 -0.13
N ASN C 49 -36.65 13.35 -1.46
CA ASN C 49 -37.00 12.21 -2.32
C ASN C 49 -35.83 11.55 -3.02
N GLN C 50 -34.71 12.25 -3.18
CA GLN C 50 -33.57 11.67 -3.90
C GLN C 50 -32.25 12.12 -3.39
N ILE C 51 -31.23 11.28 -3.59
CA ILE C 51 -29.83 11.68 -3.23
C ILE C 51 -28.98 11.43 -4.47
N TYR C 52 -28.25 12.44 -4.94
CA TYR C 52 -27.44 12.34 -6.14
C TYR C 52 -25.97 12.25 -5.67
N LEU C 53 -25.28 11.15 -6.01
CA LEU C 53 -23.95 10.94 -5.51
C LEU C 53 -22.92 10.74 -6.60
N ARG C 54 -21.66 11.16 -6.32
CA ARG C 54 -20.57 10.95 -7.31
C ARG C 54 -19.28 10.48 -6.58
N SER C 55 -18.43 9.84 -7.43
CA SER C 55 -17.13 9.33 -6.89
C SER C 55 -16.09 10.46 -6.85
N PHE C 56 -14.93 10.13 -6.30
CA PHE C 56 -13.86 11.14 -6.11
C PHE C 56 -13.38 11.77 -7.39
N GLU C 57 -13.28 11.00 -8.47
CA GLU C 57 -12.75 11.55 -9.72
C GLU C 57 -13.76 11.95 -10.77
N GLU C 58 -15.04 11.92 -10.42
CA GLU C 58 -16.03 12.21 -11.46
C GLU C 58 -16.24 13.72 -11.70
N PHE C 59 -16.51 14.07 -12.93
CA PHE C 59 -16.89 15.48 -13.26
C PHE C 59 -18.35 15.60 -13.70
N ILE C 60 -18.97 14.55 -14.24
CA ILE C 60 -20.43 14.68 -14.52
C ILE C 60 -21.20 14.75 -13.19
N HIS C 61 -22.51 15.10 -13.28
CA HIS C 61 -23.27 15.38 -12.08
C HIS C 61 -23.33 14.31 -11.02
N HIS C 62 -23.42 13.05 -11.48
CA HIS C 62 -23.51 11.96 -10.52
C HIS C 62 -23.19 10.62 -11.17
N ASN C 63 -22.85 9.66 -10.30
CA ASN C 63 -22.69 8.27 -10.68
C ASN C 63 -23.79 7.38 -10.08
N LEU C 64 -24.53 7.87 -9.08
CA LEU C 64 -25.54 7.05 -8.45
C LEU C 64 -26.68 7.97 -8.00
N VAL C 65 -27.91 7.65 -8.36
CA VAL C 65 -29.07 8.41 -7.92
C VAL C 65 -29.83 7.45 -7.06
N LEU C 66 -30.12 7.81 -5.81
CA LEU C 66 -30.91 6.99 -4.88
C LEU C 66 -32.29 7.68 -4.89
N THR C 67 -33.31 6.93 -5.28
CA THR C 67 -34.68 7.50 -5.38
C THR C 67 -35.59 6.74 -4.45
N LYS C 68 -36.27 7.50 -3.61
CA LYS C 68 -37.15 6.87 -2.63
C LYS C 68 -38.34 6.23 -3.36
N GLY C 69 -38.66 5.02 -2.98
CA GLY C 69 -39.78 4.31 -3.62
C GLY C 69 -40.18 3.15 -2.77
N PRO C 70 -41.34 2.53 -3.14
CA PRO C 70 -41.78 1.44 -2.31
C PRO C 70 -41.16 0.05 -2.46
N VAL C 71 -40.65 -0.21 -3.66
CA VAL C 71 -40.03 -1.51 -3.93
C VAL C 71 -38.63 -1.25 -4.48
N ALA C 72 -37.65 -1.69 -3.68
CA ALA C 72 -36.20 -1.53 -4.04
C ALA C 72 -35.96 -2.25 -5.35
N ALA C 73 -35.30 -1.56 -6.27
CA ALA C 73 -35.07 -2.09 -7.60
C ALA C 73 -34.15 -1.19 -8.41
N LEU C 74 -33.63 -1.70 -9.52
CA LEU C 74 -32.87 -0.86 -10.46
C LEU C 74 -33.87 -0.10 -11.31
N LYS C 75 -33.83 1.22 -11.28
CA LYS C 75 -34.73 1.97 -12.13
C LYS C 75 -34.10 2.31 -13.51
N ALA C 76 -32.78 2.54 -13.56
CA ALA C 76 -32.15 2.78 -14.85
C ALA C 76 -30.65 2.57 -14.77
N MET C 77 -30.04 1.94 -15.80
CA MET C 77 -28.58 1.77 -15.89
C MET C 77 -28.24 2.67 -17.07
N ALA C 78 -27.47 3.74 -16.79
CA ALA C 78 -27.21 4.71 -17.84
C ALA C 78 -25.83 4.72 -18.43
N PHE C 79 -25.78 4.87 -19.74
CA PHE C 79 -24.54 4.96 -20.53
C PHE C 79 -24.45 6.33 -21.18
N ARG C 80 -23.31 6.97 -21.08
CA ARG C 80 -23.18 8.26 -21.72
C ARG C 80 -22.74 8.01 -23.14
N VAL C 81 -23.29 8.76 -24.10
CA VAL C 81 -22.94 8.63 -25.51
C VAL C 81 -22.05 9.80 -25.97
N ARG C 82 -21.36 9.67 -27.12
CA ARG C 82 -20.36 10.68 -27.50
C ARG C 82 -20.84 12.07 -27.92
N THR C 83 -22.00 12.14 -28.53
CA THR C 83 -22.53 13.43 -29.02
C THR C 83 -24.03 13.49 -28.81
N PRO C 84 -24.61 14.70 -28.85
CA PRO C 84 -26.06 14.82 -28.67
C PRO C 84 -26.79 14.00 -29.72
N GLU C 85 -26.27 13.99 -30.95
CA GLU C 85 -26.90 13.24 -32.08
C GLU C 85 -26.97 11.73 -31.75
N ASP C 86 -26.05 11.24 -30.92
CA ASP C 86 -26.14 9.78 -30.63
C ASP C 86 -27.37 9.40 -29.82
N VAL C 87 -28.02 10.34 -29.17
CA VAL C 87 -29.25 10.02 -28.47
C VAL C 87 -30.32 9.71 -29.54
N ASP C 88 -30.35 10.52 -30.61
CA ASP C 88 -31.28 10.22 -31.72
C ASP C 88 -30.92 8.85 -32.32
N LYS C 89 -29.63 8.55 -32.48
CA LYS C 89 -29.23 7.26 -33.00
C LYS C 89 -29.74 6.15 -32.09
N ALA C 90 -29.62 6.32 -30.77
CA ALA C 90 -30.09 5.31 -29.84
C ALA C 90 -31.58 5.08 -29.99
N GLU C 91 -32.32 6.17 -30.16
CA GLU C 91 -33.75 6.04 -30.27
C GLU C 91 -34.13 5.26 -31.55
N ALA C 92 -33.50 5.61 -32.65
CA ALA C 92 -33.84 4.92 -33.89
C ALA C 92 -33.46 3.43 -33.81
N TYR C 93 -32.33 3.18 -33.16
CA TYR C 93 -31.81 1.85 -33.02
C TYR C 93 -32.77 0.99 -32.24
N TYR C 94 -33.18 1.46 -31.09
CA TYR C 94 -34.07 0.66 -30.29
C TYR C 94 -35.48 0.58 -30.89
N GLN C 95 -35.90 1.62 -31.62
CA GLN C 95 -37.23 1.54 -32.28
C GLN C 95 -37.12 0.41 -33.34
N GLU C 96 -36.02 0.33 -34.08
CA GLU C 96 -35.88 -0.74 -35.10
C GLU C 96 -35.89 -2.13 -34.41
N LEU C 97 -35.32 -2.23 -33.21
CA LEU C 97 -35.38 -3.50 -32.48
C LEU C 97 -36.78 -3.77 -31.92
N GLY C 98 -37.73 -2.83 -32.05
CA GLY C 98 -39.09 -3.01 -31.55
C GLY C 98 -39.25 -2.83 -30.03
N CYS C 99 -38.35 -2.09 -29.40
CA CYS C 99 -38.39 -1.94 -27.94
C CYS C 99 -39.14 -0.68 -27.58
N ARG C 100 -39.75 -0.67 -26.39
CA ARG C 100 -40.46 0.50 -25.89
C ARG C 100 -39.40 1.56 -25.52
N THR C 101 -39.62 2.77 -25.98
CA THR C 101 -38.65 3.87 -25.69
C THR C 101 -39.38 5.09 -25.15
N GLU C 102 -38.67 5.89 -24.36
CA GLU C 102 -39.26 7.12 -23.82
C GLU C 102 -38.16 8.17 -23.84
N ARG C 103 -38.45 9.29 -24.50
CA ARG C 103 -37.48 10.38 -24.66
C ARG C 103 -37.86 11.62 -23.88
N ARG C 104 -36.93 12.16 -23.09
CA ARG C 104 -37.23 13.39 -22.32
C ARG C 104 -36.19 14.44 -22.64
N LYS C 105 -36.59 15.51 -23.35
CA LYS C 105 -35.63 16.55 -23.73
C LYS C 105 -34.96 17.20 -22.53
N ASP C 106 -35.61 17.20 -21.37
CA ASP C 106 -34.98 17.80 -20.20
C ASP C 106 -34.54 16.78 -19.15
N GLY C 107 -34.50 15.51 -19.55
CA GLY C 107 -34.07 14.45 -18.66
C GLY C 107 -35.03 13.79 -17.67
N PHE C 108 -34.65 12.59 -17.18
CA PHE C 108 -35.44 11.88 -16.19
C PHE C 108 -35.05 12.19 -14.77
N VAL C 109 -33.78 12.60 -14.59
CA VAL C 109 -33.25 12.95 -13.28
C VAL C 109 -32.50 14.30 -13.38
N LYS C 110 -32.29 14.91 -12.22
CA LYS C 110 -31.56 16.17 -12.17
C LYS C 110 -30.14 15.97 -12.70
N GLY C 111 -29.61 16.98 -13.38
CA GLY C 111 -28.21 16.91 -13.80
C GLY C 111 -27.98 16.20 -15.09
N ILE C 112 -29.05 15.68 -15.72
CA ILE C 112 -28.96 15.05 -17.04
C ILE C 112 -29.91 15.78 -17.95
N GLY C 113 -29.50 16.05 -19.19
CA GLY C 113 -30.36 16.72 -20.20
C GLY C 113 -31.11 15.73 -21.07
N ASP C 114 -31.08 15.98 -22.38
CA ASP C 114 -31.82 15.12 -23.32
C ASP C 114 -31.39 13.66 -23.10
N ALA C 115 -32.36 12.82 -22.80
CA ALA C 115 -32.08 11.40 -22.44
C ALA C 115 -33.13 10.44 -22.99
N LEU C 116 -32.69 9.21 -23.34
CA LEU C 116 -33.63 8.19 -23.86
C LEU C 116 -33.56 7.02 -22.90
N ARG C 117 -34.73 6.55 -22.44
CA ARG C 117 -34.81 5.34 -21.63
C ARG C 117 -35.53 4.31 -22.46
N VAL C 118 -35.05 3.08 -22.36
CA VAL C 118 -35.64 1.97 -23.11
C VAL C 118 -35.75 0.75 -22.30
N GLU C 119 -36.75 -0.10 -22.65
CA GLU C 119 -36.84 -1.45 -22.07
C GLU C 119 -36.12 -2.25 -23.19
N ASP C 120 -34.87 -2.65 -22.91
CA ASP C 120 -34.06 -3.28 -23.93
C ASP C 120 -34.53 -4.72 -24.20
N PRO C 121 -33.96 -5.40 -25.21
CA PRO C 121 -34.39 -6.77 -25.55
C PRO C 121 -34.29 -7.80 -24.44
N LEU C 122 -33.45 -7.54 -23.45
CA LEU C 122 -33.30 -8.44 -22.32
C LEU C 122 -34.12 -8.01 -21.11
N GLY C 123 -34.90 -6.93 -21.27
CA GLY C 123 -35.76 -6.49 -20.19
C GLY C 123 -35.13 -5.43 -19.28
N PHE C 124 -33.97 -4.94 -19.67
CA PHE C 124 -33.30 -3.95 -18.81
C PHE C 124 -33.60 -2.52 -19.15
N PRO C 125 -33.68 -1.67 -18.11
CA PRO C 125 -33.97 -0.24 -18.35
C PRO C 125 -32.67 0.51 -18.58
N TYR C 126 -32.27 0.59 -19.83
CA TYR C 126 -31.05 1.31 -20.17
C TYR C 126 -31.39 2.79 -20.46
N GLU C 127 -30.48 3.72 -20.09
CA GLU C 127 -30.67 5.11 -20.51
C GLU C 127 -29.43 5.49 -21.34
N PHE C 128 -29.63 6.35 -22.36
CA PHE C 128 -28.54 6.89 -23.15
C PHE C 128 -28.66 8.39 -23.07
N PHE C 129 -27.57 9.09 -22.72
CA PHE C 129 -27.66 10.58 -22.70
C PHE C 129 -26.28 11.15 -23.03
N PHE C 130 -26.23 12.39 -23.51
CA PHE C 130 -24.93 13.05 -23.70
C PHE C 130 -24.90 14.22 -22.68
N GLU C 131 -25.94 15.08 -22.70
CA GLU C 131 -25.95 16.28 -21.85
C GLU C 131 -25.97 16.02 -20.39
N THR C 132 -25.06 16.67 -19.63
CA THR C 132 -25.06 16.49 -18.20
C THR C 132 -24.38 17.72 -17.54
N THR C 133 -24.82 18.05 -16.34
CA THR C 133 -24.26 19.20 -15.61
C THR C 133 -22.86 18.82 -15.07
N HIS C 134 -21.86 19.58 -15.45
CA HIS C 134 -20.51 19.36 -14.94
C HIS C 134 -20.42 19.94 -13.51
N VAL C 135 -19.72 19.22 -12.65
CA VAL C 135 -19.55 19.66 -11.27
C VAL C 135 -18.06 19.63 -10.91
N GLU C 136 -17.74 20.01 -9.68
CA GLU C 136 -16.30 20.04 -9.32
C GLU C 136 -15.72 18.62 -9.27
N ARG C 137 -14.70 18.41 -10.09
CA ARG C 137 -14.00 17.10 -10.11
C ARG C 137 -13.17 17.10 -8.86
N LEU C 138 -13.38 16.11 -7.97
CA LEU C 138 -12.71 16.12 -6.67
C LEU C 138 -11.36 15.34 -6.60
N HIS C 139 -10.76 15.08 -7.77
CA HIS C 139 -9.61 14.15 -7.81
C HIS C 139 -8.37 14.59 -7.05
N MET C 140 -8.30 15.90 -6.76
CA MET C 140 -7.13 16.34 -6.00
C MET C 140 -7.58 16.90 -4.64
N ARG C 141 -8.84 16.66 -4.25
CA ARG C 141 -9.33 17.16 -2.96
C ARG C 141 -8.93 16.19 -1.88
N TYR C 142 -7.63 16.10 -1.62
CA TYR C 142 -7.14 15.18 -0.61
C TYR C 142 -7.55 15.56 0.81
N ASP C 143 -8.07 16.77 0.96
CA ASP C 143 -8.63 17.15 2.25
C ASP C 143 -10.00 16.47 2.49
N LEU C 144 -10.56 15.86 1.46
CA LEU C 144 -11.84 15.11 1.60
C LEU C 144 -11.58 13.60 1.52
N TYR C 145 -10.42 13.19 1.02
CA TYR C 145 -10.12 11.76 0.81
C TYR C 145 -10.23 10.88 2.02
N SER C 146 -11.09 9.85 1.92
CA SER C 146 -11.21 8.91 3.06
C SER C 146 -10.30 7.70 2.84
N ALA C 147 -10.06 7.00 3.93
CA ALA C 147 -9.16 5.84 3.84
C ALA C 147 -9.74 4.75 2.97
N GLY C 148 -11.05 4.78 2.72
CA GLY C 148 -11.62 3.80 1.80
C GLY C 148 -12.22 4.42 0.56
N GLU C 149 -11.65 5.54 0.08
CA GLU C 149 -12.25 6.32 -1.00
C GLU C 149 -12.62 5.63 -2.32
N LEU C 150 -13.88 5.78 -2.73
CA LEU C 150 -14.37 5.23 -4.02
C LEU C 150 -14.05 6.27 -5.06
N VAL C 151 -13.20 5.91 -6.01
CA VAL C 151 -12.71 6.89 -6.97
C VAL C 151 -13.36 6.99 -8.31
N ARG C 152 -13.94 5.87 -8.81
CA ARG C 152 -14.62 5.90 -10.10
C ARG C 152 -15.74 4.86 -10.09
N LEU C 153 -16.80 5.19 -10.84
CA LEU C 153 -17.82 4.16 -11.12
C LEU C 153 -17.24 3.39 -12.35
N ASP C 154 -17.23 2.05 -12.28
CA ASP C 154 -16.72 1.27 -13.37
C ASP C 154 -17.68 0.46 -14.24
N HIS C 155 -18.60 -0.30 -13.63
CA HIS C 155 -19.42 -1.16 -14.49
C HIS C 155 -20.69 -1.59 -13.78
N PHE C 156 -21.52 -2.23 -14.60
CA PHE C 156 -22.74 -2.88 -14.15
C PHE C 156 -22.56 -4.39 -14.42
N ASN C 157 -23.32 -5.23 -13.75
CA ASN C 157 -23.27 -6.70 -14.04
C ASN C 157 -24.76 -7.14 -14.05
N GLN C 158 -25.16 -7.74 -15.16
CA GLN C 158 -26.58 -8.12 -15.43
C GLN C 158 -26.77 -9.62 -15.40
N VAL C 159 -27.92 -10.07 -14.91
CA VAL C 159 -28.22 -11.52 -14.90
C VAL C 159 -29.34 -11.74 -15.92
N THR C 160 -29.15 -12.68 -16.87
CA THR C 160 -30.15 -12.88 -17.93
C THR C 160 -30.16 -14.37 -18.24
N PRO C 161 -31.28 -14.87 -18.74
CA PRO C 161 -31.24 -16.31 -18.98
C PRO C 161 -30.50 -16.83 -20.18
N ASP C 162 -30.39 -16.04 -21.25
CA ASP C 162 -29.72 -16.53 -22.45
C ASP C 162 -28.56 -15.59 -22.74
N VAL C 163 -27.38 -15.96 -22.25
CA VAL C 163 -26.23 -15.11 -22.44
C VAL C 163 -25.79 -15.01 -23.90
N PRO C 164 -25.80 -16.12 -24.68
CA PRO C 164 -25.38 -15.93 -26.06
C PRO C 164 -26.28 -14.94 -26.81
N ARG C 165 -27.56 -14.98 -26.49
CA ARG C 165 -28.50 -14.09 -27.16
C ARG C 165 -28.15 -12.62 -26.86
N GLY C 166 -27.89 -12.37 -25.58
CA GLY C 166 -27.58 -10.99 -25.18
C GLY C 166 -26.20 -10.56 -25.66
N ARG C 167 -25.26 -11.49 -25.73
CA ARG C 167 -23.93 -11.14 -26.14
C ARG C 167 -23.91 -10.63 -27.56
N LYS C 168 -24.67 -11.29 -28.48
CA LYS C 168 -24.74 -10.86 -29.82
C LYS C 168 -25.33 -9.43 -29.91
N TYR C 169 -26.39 -9.20 -29.15
CA TYR C 169 -27.03 -7.89 -29.17
C TYR C 169 -26.04 -6.80 -28.66
N LEU C 170 -25.31 -7.10 -27.60
CA LEU C 170 -24.38 -6.04 -27.09
C LEU C 170 -23.19 -5.88 -28.03
N GLU C 171 -22.75 -6.97 -28.70
CA GLU C 171 -21.65 -6.82 -29.65
C GLU C 171 -22.12 -5.95 -30.84
N ASP C 172 -23.38 -6.15 -31.27
CA ASP C 172 -23.86 -5.32 -32.39
C ASP C 172 -23.95 -3.84 -31.94
N LEU C 173 -24.21 -3.60 -30.66
CA LEU C 173 -24.31 -2.23 -30.13
C LEU C 173 -22.92 -1.61 -29.96
N GLY C 174 -21.85 -2.40 -30.16
CA GLY C 174 -20.49 -1.87 -30.12
C GLY C 174 -19.61 -2.30 -28.96
N PHE C 175 -20.18 -3.02 -28.01
CA PHE C 175 -19.36 -3.46 -26.88
C PHE C 175 -18.41 -4.55 -27.34
N ARG C 176 -17.20 -4.57 -26.80
CA ARG C 176 -16.23 -5.58 -27.20
C ARG C 176 -15.98 -6.52 -26.01
N VAL C 177 -16.08 -7.83 -26.26
CA VAL C 177 -15.85 -8.80 -25.21
C VAL C 177 -14.36 -8.95 -24.91
N THR C 178 -14.02 -8.71 -23.65
CA THR C 178 -12.64 -8.80 -23.21
C THR C 178 -12.33 -10.13 -22.57
N GLU C 179 -13.29 -10.69 -21.82
CA GLU C 179 -13.11 -12.00 -21.18
C GLU C 179 -14.47 -12.70 -21.21
N ASP C 180 -14.44 -14.05 -21.33
CA ASP C 180 -15.64 -14.79 -21.29
C ASP C 180 -15.42 -16.15 -20.63
N ILE C 181 -16.54 -16.80 -20.30
CA ILE C 181 -16.51 -18.13 -19.73
C ILE C 181 -17.25 -19.02 -20.69
N GLN C 182 -16.57 -20.09 -21.13
CA GLN C 182 -17.15 -21.03 -22.09
C GLN C 182 -17.09 -22.50 -21.64
N ASP C 183 -18.01 -23.30 -22.21
CA ASP C 183 -17.94 -24.74 -21.94
C ASP C 183 -17.06 -25.39 -22.99
N ASP C 184 -16.95 -26.72 -22.86
CA ASP C 184 -16.12 -27.52 -23.74
C ASP C 184 -16.53 -27.32 -25.20
N GLU C 185 -17.83 -27.15 -25.44
CA GLU C 185 -18.32 -26.96 -26.80
C GLU C 185 -18.12 -25.55 -27.36
N GLY C 186 -17.66 -24.63 -26.51
CA GLY C 186 -17.45 -23.27 -26.97
C GLY C 186 -18.66 -22.34 -26.74
N THR C 187 -19.69 -22.77 -26.03
CA THR C 187 -20.86 -21.90 -25.81
C THR C 187 -20.51 -20.91 -24.71
N THR C 188 -20.94 -19.66 -24.90
CA THR C 188 -20.70 -18.66 -23.85
C THR C 188 -21.66 -18.80 -22.68
N TYR C 189 -21.12 -18.84 -21.45
CA TYR C 189 -21.91 -18.92 -20.25
C TYR C 189 -21.97 -17.54 -19.57
N ALA C 190 -20.93 -16.71 -19.78
CA ALA C 190 -20.87 -15.34 -19.19
C ALA C 190 -19.87 -14.53 -20.05
N ALA C 191 -20.06 -13.20 -20.15
CA ALA C 191 -19.13 -12.40 -20.93
C ALA C 191 -19.02 -11.00 -20.33
N TRP C 192 -17.81 -10.45 -20.39
CA TRP C 192 -17.46 -9.12 -19.90
C TRP C 192 -17.23 -8.28 -21.12
N MET C 193 -17.85 -7.09 -21.16
CA MET C 193 -17.76 -6.33 -22.38
C MET C 193 -17.60 -4.84 -22.12
N HIS C 194 -16.82 -4.20 -22.98
CA HIS C 194 -16.45 -2.80 -22.71
C HIS C 194 -16.63 -1.88 -23.89
N ARG C 195 -16.66 -0.58 -23.53
CA ARG C 195 -16.55 0.49 -24.49
C ARG C 195 -15.36 1.42 -24.07
N LYS C 196 -15.10 1.61 -22.77
CA LYS C 196 -14.14 2.65 -22.38
C LYS C 196 -12.68 2.26 -22.24
N GLY C 197 -12.43 0.98 -22.47
CA GLY C 197 -11.02 0.58 -22.41
C GLY C 197 -10.55 -0.09 -21.15
N THR C 198 -11.44 -0.49 -20.26
CA THR C 198 -11.12 -1.30 -19.08
C THR C 198 -11.74 -2.67 -19.39
N VAL C 199 -11.66 -3.60 -18.45
CA VAL C 199 -12.22 -4.94 -18.73
C VAL C 199 -13.69 -4.86 -19.11
N HIS C 200 -14.47 -3.98 -18.45
CA HIS C 200 -15.87 -3.93 -18.86
C HIS C 200 -16.61 -2.67 -18.42
N ASP C 201 -17.71 -2.43 -19.13
CA ASP C 201 -18.75 -1.42 -18.73
C ASP C 201 -19.97 -2.17 -18.29
N THR C 202 -20.17 -3.36 -18.85
CA THR C 202 -21.26 -4.21 -18.36
C THR C 202 -20.90 -5.69 -18.54
N ALA C 203 -21.56 -6.60 -17.84
CA ALA C 203 -21.22 -8.02 -18.05
C ALA C 203 -22.55 -8.76 -18.03
N LEU C 204 -22.61 -9.90 -18.71
CA LEU C 204 -23.83 -10.70 -18.73
C LEU C 204 -23.47 -12.02 -18.09
N THR C 205 -24.23 -12.39 -17.06
CA THR C 205 -24.01 -13.70 -16.46
C THR C 205 -25.36 -14.43 -16.54
N GLY C 206 -25.33 -15.77 -16.58
CA GLY C 206 -26.57 -16.49 -16.72
C GLY C 206 -27.38 -16.74 -15.47
N GLY C 207 -28.69 -16.62 -15.59
CA GLY C 207 -29.53 -16.86 -14.43
C GLY C 207 -30.94 -16.33 -14.71
N ASN C 208 -31.84 -16.45 -13.76
CA ASN C 208 -33.17 -15.94 -13.98
C ASN C 208 -33.06 -14.43 -14.10
N GLY C 209 -33.82 -13.85 -14.97
CA GLY C 209 -33.68 -12.41 -15.11
C GLY C 209 -34.78 -11.81 -15.92
N PRO C 210 -34.74 -10.51 -16.21
CA PRO C 210 -33.66 -9.57 -15.85
C PRO C 210 -33.53 -9.21 -14.37
N ARG C 211 -32.28 -9.23 -13.89
CA ARG C 211 -31.99 -8.79 -12.55
C ARG C 211 -30.63 -8.10 -12.65
N LEU C 212 -30.36 -7.18 -11.73
CA LEU C 212 -29.04 -6.48 -11.71
C LEU C 212 -28.25 -7.08 -10.62
N HIS C 213 -27.16 -7.80 -10.96
CA HIS C 213 -26.34 -8.40 -9.94
C HIS C 213 -25.64 -7.33 -9.01
N HIS C 214 -24.98 -6.37 -9.66
CA HIS C 214 -24.31 -5.33 -8.88
C HIS C 214 -23.95 -4.14 -9.73
N VAL C 215 -23.54 -3.05 -9.03
CA VAL C 215 -22.95 -1.87 -9.69
C VAL C 215 -21.55 -1.85 -8.99
N ALA C 216 -20.52 -1.48 -9.71
CA ALA C 216 -19.14 -1.47 -9.15
C ALA C 216 -18.38 -0.16 -9.21
N PHE C 217 -17.65 0.12 -8.12
CA PHE C 217 -16.81 1.33 -8.05
C PHE C 217 -15.37 0.79 -7.82
N SER C 218 -14.40 1.61 -8.19
CA SER C 218 -13.04 1.21 -7.91
C SER C 218 -12.43 2.13 -6.87
N THR C 219 -11.36 1.62 -6.27
CA THR C 219 -10.50 2.41 -5.33
C THR C 219 -9.10 2.54 -5.99
N HIS C 220 -8.30 3.47 -5.43
CA HIS C 220 -6.96 3.58 -6.01
C HIS C 220 -6.07 2.34 -5.74
N GLU C 221 -6.16 1.81 -4.54
CA GLU C 221 -5.25 0.75 -4.14
C GLU C 221 -5.96 -0.33 -3.29
N LYS C 222 -5.26 -1.45 -3.08
CA LYS C 222 -5.85 -2.53 -2.33
C LYS C 222 -6.13 -2.16 -0.89
N HIS C 223 -5.27 -1.34 -0.25
CA HIS C 223 -5.52 -1.05 1.14
C HIS C 223 -6.82 -0.27 1.35
N ASN C 224 -7.29 0.45 0.34
CA ASN C 224 -8.58 1.18 0.48
C ASN C 224 -9.73 0.19 0.66
N ILE C 225 -9.67 -0.94 -0.03
CA ILE C 225 -10.72 -1.93 0.07
C ILE C 225 -10.65 -2.62 1.39
N ILE C 226 -9.45 -2.93 1.89
CA ILE C 226 -9.31 -3.51 3.20
C ILE C 226 -9.92 -2.58 4.26
N GLN C 227 -9.69 -1.25 4.07
CA GLN C 227 -10.23 -0.26 5.05
C GLN C 227 -11.76 -0.24 5.05
N ILE C 228 -12.38 -0.52 3.92
CA ILE C 228 -13.86 -0.61 3.94
C ILE C 228 -14.32 -1.73 4.85
N CYS C 229 -13.64 -2.89 4.75
CA CYS C 229 -13.97 -4.01 5.59
C CYS C 229 -13.70 -3.72 7.06
N ASP C 230 -12.57 -3.11 7.38
CA ASP C 230 -12.27 -2.79 8.76
C ASP C 230 -13.28 -1.83 9.37
N LYS C 231 -13.64 -0.82 8.60
CA LYS C 231 -14.61 0.22 9.08
C LYS C 231 -15.96 -0.47 9.33
N MET C 232 -16.35 -1.33 8.41
CA MET C 232 -17.65 -2.05 8.62
C MET C 232 -17.59 -2.92 9.87
N GLY C 233 -16.47 -3.59 10.13
CA GLY C 233 -16.35 -4.34 11.36
C GLY C 233 -16.45 -3.41 12.58
N ALA C 234 -15.83 -2.21 12.57
CA ALA C 234 -15.86 -1.37 13.74
C ALA C 234 -17.29 -0.78 13.95
N LEU C 235 -18.00 -0.60 12.87
CA LEU C 235 -19.42 -0.10 12.91
C LEU C 235 -20.36 -1.27 13.21
N ARG C 236 -19.84 -2.47 13.39
CA ARG C 236 -20.69 -3.67 13.69
C ARG C 236 -21.71 -3.96 12.62
N ILE C 237 -21.33 -3.76 11.39
CA ILE C 237 -22.15 -4.06 10.23
C ILE C 237 -21.37 -5.01 9.27
N SER C 238 -20.49 -5.81 9.85
CA SER C 238 -19.74 -6.80 9.04
C SER C 238 -20.66 -7.85 8.41
N ASP C 239 -21.88 -7.99 8.97
CA ASP C 239 -22.79 -8.92 8.35
C ASP C 239 -23.23 -8.42 6.99
N ARG C 240 -22.93 -7.15 6.64
CA ARG C 240 -23.27 -6.64 5.30
C ARG C 240 -22.15 -6.85 4.26
N ILE C 241 -21.03 -7.45 4.71
CA ILE C 241 -19.95 -7.86 3.79
C ILE C 241 -20.41 -9.24 3.28
N GLU C 242 -20.68 -9.32 1.99
CA GLU C 242 -21.19 -10.56 1.41
C GLU C 242 -20.11 -11.50 0.95
N ARG C 243 -19.17 -10.97 0.19
CA ARG C 243 -18.12 -11.84 -0.36
C ARG C 243 -16.82 -11.10 -0.52
N GLY C 244 -15.71 -11.73 -0.12
CA GLY C 244 -14.42 -11.03 -0.31
C GLY C 244 -13.83 -10.64 1.00
N PRO C 245 -12.64 -10.01 0.97
CA PRO C 245 -11.92 -9.68 -0.28
C PRO C 245 -11.29 -10.87 -0.96
N GLY C 246 -11.16 -10.78 -2.27
CA GLY C 246 -10.49 -11.87 -2.99
C GLY C 246 -9.97 -11.30 -4.27
N ARG C 247 -9.39 -12.20 -5.09
CA ARG C 247 -8.94 -11.84 -6.42
C ARG C 247 -9.73 -12.67 -7.43
N HIS C 248 -10.40 -12.01 -8.37
CA HIS C 248 -11.17 -12.74 -9.41
C HIS C 248 -10.18 -13.15 -10.47
N GLY C 249 -10.35 -14.37 -10.99
CA GLY C 249 -9.59 -14.73 -12.15
C GLY C 249 -10.05 -13.89 -13.33
N VAL C 250 -11.33 -14.00 -13.65
CA VAL C 250 -11.87 -13.20 -14.74
C VAL C 250 -11.78 -11.73 -14.27
N SER C 251 -11.11 -10.91 -15.07
CA SER C 251 -10.87 -9.47 -14.90
C SER C 251 -9.67 -9.15 -14.05
N ASN C 252 -9.10 -10.13 -13.32
CA ASN C 252 -7.93 -9.96 -12.46
C ASN C 252 -8.15 -8.87 -11.38
N ALA C 253 -9.39 -8.64 -11.00
CA ALA C 253 -9.69 -7.58 -10.00
C ALA C 253 -9.57 -8.09 -8.58
N PHE C 254 -9.07 -7.23 -7.72
CA PHE C 254 -9.06 -7.47 -6.27
C PHE C 254 -10.43 -6.87 -5.87
N TYR C 255 -11.29 -7.72 -5.30
CA TYR C 255 -12.72 -7.35 -5.09
C TYR C 255 -13.24 -7.48 -3.73
N LEU C 256 -14.38 -6.78 -3.54
CA LEU C 256 -15.16 -6.88 -2.32
C LEU C 256 -16.64 -6.64 -2.70
N TYR C 257 -17.57 -7.43 -2.19
CA TYR C 257 -19.02 -7.22 -2.47
C TYR C 257 -19.71 -7.00 -1.16
N ILE C 258 -20.45 -5.88 -1.06
CA ILE C 258 -21.19 -5.54 0.18
C ILE C 258 -22.66 -5.28 -0.23
N LEU C 259 -23.52 -5.25 0.78
CA LEU C 259 -24.95 -5.08 0.54
C LEU C 259 -25.50 -3.83 1.21
N ASP C 260 -26.23 -3.06 0.42
CA ASP C 260 -26.87 -1.83 0.93
C ASP C 260 -28.10 -2.17 1.78
N PRO C 261 -28.73 -1.14 2.32
CA PRO C 261 -29.90 -1.45 3.20
C PRO C 261 -31.07 -2.16 2.53
N ASP C 262 -31.15 -2.05 1.22
CA ASP C 262 -32.22 -2.76 0.48
C ASP C 262 -31.70 -4.04 -0.18
N ASN C 263 -30.49 -4.44 0.23
CA ASN C 263 -29.81 -5.62 -0.29
C ASN C 263 -29.27 -5.45 -1.72
N HIS C 264 -29.21 -4.22 -2.24
CA HIS C 264 -28.59 -3.98 -3.55
C HIS C 264 -27.10 -4.28 -3.30
N ARG C 265 -26.50 -5.04 -4.20
CA ARG C 265 -25.06 -5.44 -4.07
C ARG C 265 -24.15 -4.42 -4.75
N ILE C 266 -23.12 -3.94 -4.00
CA ILE C 266 -22.18 -3.01 -4.52
C ILE C 266 -20.82 -3.72 -4.51
N GLU C 267 -20.14 -3.69 -5.65
CA GLU C 267 -18.75 -4.24 -5.68
C GLU C 267 -17.80 -3.06 -5.57
N ILE C 268 -16.72 -3.24 -4.78
CA ILE C 268 -15.63 -2.23 -4.80
C ILE C 268 -14.43 -3.05 -5.23
N TYR C 269 -13.70 -2.58 -6.23
CA TYR C 269 -12.49 -3.37 -6.59
C TYR C 269 -11.39 -2.45 -6.95
N THR C 270 -10.24 -3.06 -7.20
CA THR C 270 -9.13 -2.26 -7.73
C THR C 270 -8.33 -3.18 -8.64
N GLN C 271 -7.59 -2.53 -9.55
CA GLN C 271 -6.68 -3.11 -10.55
C GLN C 271 -7.45 -3.41 -11.80
N ASP C 272 -7.06 -2.72 -12.83
CA ASP C 272 -7.59 -2.86 -14.17
C ASP C 272 -6.49 -3.04 -15.14
N TYR C 273 -6.85 -3.37 -16.37
CA TYR C 273 -5.81 -3.41 -17.40
C TYR C 273 -6.43 -2.82 -18.65
N TYR C 274 -5.59 -2.43 -19.60
CA TYR C 274 -6.03 -1.72 -20.82
C TYR C 274 -6.54 -2.64 -21.90
N THR C 275 -7.75 -2.33 -22.36
CA THR C 275 -8.38 -3.22 -23.34
C THR C 275 -8.75 -2.46 -24.62
N GLY C 276 -8.29 -1.21 -24.75
CA GLY C 276 -8.71 -0.39 -25.85
C GLY C 276 -8.25 -0.73 -27.23
N ASP C 277 -7.26 -1.60 -27.41
CA ASP C 277 -6.87 -1.94 -28.78
C ASP C 277 -7.98 -2.84 -29.39
N PRO C 278 -8.27 -2.67 -30.69
CA PRO C 278 -9.34 -3.46 -31.31
C PRO C 278 -9.14 -4.94 -31.38
N ASP C 279 -7.89 -5.36 -31.38
CA ASP C 279 -7.58 -6.79 -31.37
C ASP C 279 -7.12 -7.25 -29.99
N ASN C 280 -7.55 -6.53 -28.94
CA ASN C 280 -7.27 -6.91 -27.57
C ASN C 280 -7.58 -8.43 -27.44
N PRO C 281 -6.65 -9.23 -26.94
CA PRO C 281 -6.87 -10.68 -26.82
C PRO C 281 -7.97 -11.07 -25.86
N THR C 282 -9.01 -11.73 -26.35
CA THR C 282 -10.09 -12.16 -25.48
C THR C 282 -9.57 -13.30 -24.66
N ILE C 283 -9.82 -13.26 -23.36
CA ILE C 283 -9.37 -14.33 -22.46
C ILE C 283 -10.58 -15.20 -22.21
N THR C 284 -10.44 -16.49 -22.55
CA THR C 284 -11.55 -17.43 -22.34
C THR C 284 -11.23 -18.38 -21.20
N TRP C 285 -12.12 -18.45 -20.22
CA TRP C 285 -11.98 -19.32 -19.03
C TRP C 285 -12.90 -20.47 -19.17
N ASN C 286 -12.42 -21.67 -18.77
CA ASN C 286 -13.33 -22.78 -18.84
C ASN C 286 -14.34 -22.74 -17.69
N VAL C 287 -15.57 -23.14 -18.01
CA VAL C 287 -16.66 -23.10 -17.05
C VAL C 287 -16.36 -23.99 -15.82
N HIS C 288 -15.43 -24.93 -15.91
CA HIS C 288 -15.16 -25.73 -14.73
C HIS C 288 -13.87 -25.33 -14.02
N ASP C 289 -13.25 -24.23 -14.42
CA ASP C 289 -12.00 -23.78 -13.76
C ASP C 289 -12.37 -22.82 -12.56
N ASN C 290 -12.24 -23.29 -11.33
CA ASN C 290 -12.59 -22.49 -10.14
C ASN C 290 -11.80 -21.23 -10.09
N GLN C 291 -10.58 -21.20 -10.65
CA GLN C 291 -9.82 -19.93 -10.53
C GLN C 291 -10.45 -18.83 -11.33
N ARG C 292 -11.47 -19.09 -12.17
CA ARG C 292 -12.10 -18.03 -12.88
C ARG C 292 -12.88 -17.17 -11.84
N ARG C 293 -13.35 -17.81 -10.80
CA ARG C 293 -14.13 -17.15 -9.72
C ARG C 293 -13.23 -16.58 -8.66
N ASP C 294 -12.27 -17.39 -8.21
CA ASP C 294 -11.35 -16.98 -7.13
C ASP C 294 -9.99 -17.54 -7.41
N TRP C 295 -9.11 -16.60 -7.68
CA TRP C 295 -7.72 -16.95 -7.99
C TRP C 295 -7.06 -17.66 -6.79
N TRP C 296 -7.45 -17.34 -5.57
CA TRP C 296 -6.84 -17.89 -4.35
C TRP C 296 -7.59 -19.12 -3.82
N GLY C 297 -8.79 -19.37 -4.34
CA GLY C 297 -9.59 -20.51 -3.85
C GLY C 297 -10.59 -20.23 -2.76
N ASN C 298 -10.87 -18.92 -2.48
CA ASN C 298 -11.80 -18.51 -1.39
C ASN C 298 -13.08 -19.31 -1.52
N PRO C 299 -13.65 -19.70 -0.39
CA PRO C 299 -14.89 -20.46 -0.46
C PRO C 299 -16.02 -19.78 -1.12
N VAL C 300 -16.91 -20.58 -1.70
CA VAL C 300 -18.08 -20.05 -2.40
C VAL C 300 -19.11 -19.47 -1.41
N VAL C 301 -19.66 -18.29 -1.73
CA VAL C 301 -20.72 -17.67 -0.91
C VAL C 301 -22.02 -17.88 -1.70
N PRO C 302 -22.90 -18.77 -1.19
CA PRO C 302 -24.13 -19.03 -1.92
C PRO C 302 -25.03 -17.90 -2.36
N SER C 303 -25.20 -16.89 -1.51
CA SER C 303 -26.12 -15.80 -1.89
C SER C 303 -25.64 -15.05 -3.14
N TRP C 304 -24.33 -15.10 -3.39
CA TRP C 304 -23.84 -14.39 -4.53
C TRP C 304 -24.38 -14.96 -5.83
N TYR C 305 -24.79 -16.23 -5.75
CA TYR C 305 -25.33 -16.89 -6.93
C TYR C 305 -26.85 -16.97 -6.94
N THR C 306 -27.49 -16.64 -5.84
CA THR C 306 -28.95 -16.69 -5.84
C THR C 306 -29.61 -15.31 -5.82
N GLU C 307 -28.94 -14.31 -5.24
CA GLU C 307 -29.60 -13.00 -5.10
C GLU C 307 -29.12 -11.96 -6.08
N ALA C 308 -30.07 -11.20 -6.62
CA ALA C 308 -29.77 -10.08 -7.54
C ALA C 308 -30.98 -9.14 -7.49
N SER C 309 -30.76 -7.88 -7.81
CA SER C 309 -31.81 -6.89 -7.69
C SER C 309 -32.86 -6.94 -8.79
N LYS C 310 -34.11 -6.68 -8.38
CA LYS C 310 -35.17 -6.55 -9.36
C LYS C 310 -34.85 -5.33 -10.23
N VAL C 311 -35.42 -5.23 -11.43
CA VAL C 311 -35.29 -4.06 -12.30
C VAL C 311 -36.71 -3.65 -12.68
N LEU C 312 -36.88 -2.37 -12.98
CA LEU C 312 -38.18 -1.84 -13.31
C LEU C 312 -38.36 -1.58 -14.81
N ASP C 313 -39.63 -1.58 -15.27
CA ASP C 313 -39.92 -1.20 -16.61
C ASP C 313 -40.19 0.31 -16.60
N LEU C 314 -40.51 0.88 -17.74
CA LEU C 314 -40.68 2.35 -17.84
C LEU C 314 -41.89 2.89 -17.08
N ASP C 315 -42.78 2.01 -16.64
CA ASP C 315 -43.94 2.46 -15.83
C ASP C 315 -43.65 2.28 -14.33
N GLY C 316 -42.45 1.85 -13.94
CA GLY C 316 -42.21 1.65 -12.51
C GLY C 316 -42.58 0.32 -11.96
N ASN C 317 -43.13 -0.57 -12.80
CA ASN C 317 -43.48 -1.92 -12.38
C ASN C 317 -42.25 -2.83 -12.40
N VAL C 318 -42.16 -3.77 -11.48
CA VAL C 318 -41.06 -4.74 -11.52
C VAL C 318 -41.17 -5.62 -12.77
N GLN C 319 -40.08 -5.75 -13.53
CA GLN C 319 -40.03 -6.62 -14.72
C GLN C 319 -40.15 -8.10 -14.29
N GLU C 320 -41.01 -8.86 -14.97
CA GLU C 320 -41.18 -10.26 -14.64
C GLU C 320 -39.82 -10.97 -14.79
N ILE C 321 -39.49 -11.76 -13.79
CA ILE C 321 -38.23 -12.50 -13.79
C ILE C 321 -38.46 -13.87 -14.44
N ILE C 322 -37.87 -14.06 -15.61
CA ILE C 322 -38.00 -15.28 -16.42
C ILE C 322 -36.97 -16.32 -16.00
N GLU D 4 2.65 28.52 -38.86
CA GLU D 4 1.43 27.71 -38.49
C GLU D 4 1.36 26.45 -39.35
N ILE D 5 1.12 25.31 -38.72
CA ILE D 5 1.01 24.05 -39.45
C ILE D 5 -0.43 23.89 -39.93
N PRO D 6 -0.62 23.83 -41.27
CA PRO D 6 -1.97 23.70 -41.80
C PRO D 6 -2.61 22.38 -41.55
N LYS D 7 -3.92 22.43 -41.45
CA LYS D 7 -4.70 21.21 -41.25
C LYS D 7 -4.85 20.54 -42.63
N PRO D 8 -4.35 19.30 -42.82
CA PRO D 8 -4.50 18.66 -44.14
C PRO D 8 -5.97 18.45 -44.56
N VAL D 9 -6.14 18.28 -45.86
CA VAL D 9 -7.45 17.95 -46.37
C VAL D 9 -7.57 16.45 -46.07
N ALA D 10 -6.48 15.70 -46.25
CA ALA D 10 -6.49 14.23 -46.02
C ALA D 10 -6.88 13.93 -44.55
N PRO D 11 -7.70 12.89 -44.33
CA PRO D 11 -8.14 12.52 -42.97
C PRO D 11 -6.99 12.05 -42.09
N ALA D 12 -7.07 12.40 -40.80
CA ALA D 12 -5.99 11.95 -39.87
C ALA D 12 -6.12 10.48 -39.60
N PRO D 13 -4.99 9.78 -39.37
CA PRO D 13 -5.05 8.34 -39.06
C PRO D 13 -5.69 8.32 -37.66
N ASP D 14 -6.44 7.25 -37.35
CA ASP D 14 -7.10 7.11 -36.06
C ASP D 14 -6.02 6.48 -35.10
N ILE D 15 -5.43 7.33 -34.26
CA ILE D 15 -4.40 6.84 -33.30
C ILE D 15 -5.00 6.26 -32.05
N LEU D 16 -4.53 5.07 -31.67
CA LEU D 16 -5.05 4.43 -30.45
C LEU D 16 -4.31 4.90 -29.20
N ARG D 17 -2.97 4.85 -29.27
CA ARG D 17 -2.20 5.15 -28.07
C ARG D 17 -0.70 5.14 -28.34
N CYS D 18 0.08 5.69 -27.43
N CYS D 18 0.04 5.62 -27.36
CA CYS D 18 1.50 5.52 -27.60
CA CYS D 18 1.49 5.52 -27.35
C CYS D 18 1.70 4.03 -27.32
C CYS D 18 1.74 3.98 -27.22
N ALA D 19 2.63 3.41 -28.03
CA ALA D 19 2.85 1.97 -27.95
C ALA D 19 4.28 1.53 -27.63
N TYR D 20 5.29 2.16 -28.24
CA TYR D 20 6.68 1.79 -27.86
C TYR D 20 7.64 2.88 -28.27
N ALA D 21 8.85 2.84 -27.70
CA ALA D 21 9.92 3.75 -28.11
C ALA D 21 11.13 2.91 -28.48
N GLU D 22 11.86 3.37 -29.50
CA GLU D 22 13.14 2.74 -29.88
C GLU D 22 14.20 3.75 -29.48
N LEU D 23 15.05 3.35 -28.51
CA LEU D 23 16.14 4.19 -28.00
C LEU D 23 17.47 3.61 -28.45
N VAL D 24 18.32 4.50 -29.00
CA VAL D 24 19.65 4.02 -29.32
C VAL D 24 20.47 4.17 -28.02
N VAL D 25 21.27 3.11 -27.75
CA VAL D 25 22.06 3.08 -26.55
C VAL D 25 23.49 2.75 -26.99
N THR D 26 24.41 3.22 -26.16
CA THR D 26 25.83 2.97 -26.55
C THR D 26 26.44 1.67 -26.04
N ASP D 27 25.98 1.10 -24.90
CA ASP D 27 26.57 -0.14 -24.37
C ASP D 27 25.36 -1.01 -24.11
N LEU D 28 25.10 -2.00 -24.96
CA LEU D 28 23.86 -2.81 -24.80
C LEU D 28 23.83 -3.56 -23.47
N ALA D 29 24.97 -4.09 -23.05
CA ALA D 29 25.03 -4.81 -21.76
C ALA D 29 24.65 -3.96 -20.54
N LYS D 30 25.23 -2.73 -20.45
CA LYS D 30 24.89 -1.85 -19.36
C LYS D 30 23.39 -1.49 -19.43
N SER D 31 22.91 -1.28 -20.64
CA SER D 31 21.47 -0.91 -20.75
C SER D 31 20.62 -2.09 -20.32
N ARG D 32 21.00 -3.30 -20.70
CA ARG D 32 20.20 -4.44 -20.34
C ARG D 32 20.19 -4.57 -18.80
N ASN D 33 21.32 -4.30 -18.17
CA ASN D 33 21.35 -4.41 -16.72
C ASN D 33 20.36 -3.43 -16.07
N PHE D 34 20.34 -2.20 -16.57
CA PHE D 34 19.43 -1.19 -16.02
C PHE D 34 17.94 -1.61 -16.28
N TYR D 35 17.56 -1.88 -17.52
CA TYR D 35 16.17 -2.17 -17.82
C TYR D 35 15.63 -3.48 -17.39
N VAL D 36 16.48 -4.52 -17.44
CA VAL D 36 16.04 -5.85 -17.06
C VAL D 36 16.40 -6.16 -15.64
N ASP D 37 17.68 -6.07 -15.26
CA ASP D 37 17.99 -6.47 -13.89
C ASP D 37 17.52 -5.49 -12.82
N VAL D 38 17.67 -4.20 -13.06
CA VAL D 38 17.20 -3.23 -12.06
C VAL D 38 15.71 -3.01 -12.19
N LEU D 39 15.25 -2.61 -13.39
CA LEU D 39 13.80 -2.29 -13.51
C LEU D 39 12.84 -3.48 -13.75
N GLY D 40 13.34 -4.63 -14.12
CA GLY D 40 12.48 -5.78 -14.30
C GLY D 40 11.63 -5.91 -15.53
N LEU D 41 11.92 -5.13 -16.58
CA LEU D 41 11.11 -5.30 -17.79
C LEU D 41 11.34 -6.69 -18.37
N HIS D 42 10.39 -7.17 -19.17
CA HIS D 42 10.40 -8.53 -19.70
C HIS D 42 10.91 -8.60 -21.08
N VAL D 43 11.77 -9.58 -21.33
CA VAL D 43 12.37 -9.69 -22.65
C VAL D 43 11.51 -10.44 -23.65
N SER D 44 11.19 -9.79 -24.77
CA SER D 44 10.39 -10.42 -25.84
C SER D 44 11.35 -11.04 -26.87
N TYR D 45 12.51 -10.40 -27.00
CA TYR D 45 13.53 -10.92 -27.92
C TYR D 45 14.83 -10.21 -27.69
N GLU D 46 15.97 -10.90 -27.89
CA GLU D 46 17.19 -10.12 -27.81
C GLU D 46 18.30 -10.80 -28.64
N ASP D 47 19.23 -10.00 -29.09
CA ASP D 47 20.40 -10.54 -29.78
C ASP D 47 21.59 -9.66 -29.39
N GLU D 48 22.72 -9.69 -30.15
CA GLU D 48 23.85 -8.88 -29.70
C GLU D 48 23.72 -7.42 -30.04
N ASN D 49 22.68 -7.08 -30.77
CA ASN D 49 22.53 -5.68 -31.15
C ASN D 49 21.30 -4.97 -30.60
N GLN D 50 20.30 -5.76 -30.21
CA GLN D 50 19.03 -5.14 -29.75
C GLN D 50 18.40 -5.91 -28.66
N ILE D 51 17.62 -5.22 -27.81
CA ILE D 51 16.88 -5.91 -26.76
C ILE D 51 15.44 -5.36 -26.90
N TYR D 52 14.47 -6.27 -26.93
CA TYR D 52 13.03 -5.89 -27.06
C TYR D 52 12.38 -6.18 -25.70
N LEU D 53 11.77 -5.16 -25.09
CA LEU D 53 11.23 -5.30 -23.70
C LEU D 53 9.77 -4.88 -23.68
N ARG D 54 9.05 -5.55 -22.76
CA ARG D 54 7.65 -5.21 -22.55
C ARG D 54 7.31 -5.15 -21.08
N SER D 55 6.21 -4.43 -20.79
CA SER D 55 5.70 -4.27 -19.41
C SER D 55 4.84 -5.49 -19.03
N PHE D 56 4.49 -5.55 -17.75
CA PHE D 56 3.78 -6.67 -17.22
C PHE D 56 2.40 -6.93 -17.86
N GLU D 57 1.66 -5.88 -18.27
CA GLU D 57 0.32 -6.11 -18.82
C GLU D 57 0.24 -6.01 -20.32
N GLU D 58 1.40 -5.88 -20.99
CA GLU D 58 1.38 -5.68 -22.46
C GLU D 58 1.15 -7.00 -23.23
N PHE D 59 0.42 -6.89 -24.36
CA PHE D 59 0.23 -8.05 -25.24
C PHE D 59 0.91 -7.85 -26.60
N ILE D 60 1.18 -6.60 -26.99
CA ILE D 60 1.87 -6.40 -28.27
C ILE D 60 3.32 -6.76 -28.01
N HIS D 61 4.10 -6.89 -29.10
CA HIS D 61 5.43 -7.46 -28.93
C HIS D 61 6.35 -6.74 -27.95
N HIS D 62 6.29 -5.41 -27.95
CA HIS D 62 7.18 -4.71 -27.02
C HIS D 62 6.72 -3.29 -26.77
N ASN D 63 7.27 -2.69 -25.71
CA ASN D 63 7.09 -1.29 -25.39
C ASN D 63 8.40 -0.52 -25.50
N LEU D 64 9.54 -1.21 -25.61
CA LEU D 64 10.80 -0.50 -25.62
C LEU D 64 11.78 -1.36 -26.40
N VAL D 65 12.45 -0.74 -27.39
CA VAL D 65 13.48 -1.44 -28.18
C VAL D 65 14.76 -0.69 -27.89
N LEU D 66 15.76 -1.41 -27.41
CA LEU D 66 17.08 -0.83 -27.15
C LEU D 66 17.96 -1.27 -28.35
N THR D 67 18.48 -0.28 -29.09
CA THR D 67 19.30 -0.59 -30.27
C THR D 67 20.68 0.00 -30.09
N LYS D 68 21.69 -0.84 -30.20
CA LYS D 68 23.10 -0.35 -30.06
C LYS D 68 23.43 0.64 -31.18
N GLY D 69 24.07 1.74 -30.80
CA GLY D 69 24.41 2.73 -31.84
C GLY D 69 25.49 3.60 -31.34
N PRO D 70 26.03 4.49 -32.19
CA PRO D 70 27.13 5.35 -31.75
C PRO D 70 26.78 6.53 -30.88
N VAL D 71 25.58 7.08 -31.07
CA VAL D 71 25.16 8.24 -30.29
C VAL D 71 23.78 7.95 -29.68
N ALA D 72 23.71 7.99 -28.36
CA ALA D 72 22.41 7.71 -27.74
C ALA D 72 21.39 8.78 -28.12
N ALA D 73 20.18 8.31 -28.45
CA ALA D 73 19.15 9.23 -28.91
C ALA D 73 17.86 8.43 -29.08
N LEU D 74 16.74 9.14 -29.25
CA LEU D 74 15.46 8.52 -29.59
C LEU D 74 15.51 8.26 -31.08
N LYS D 75 15.25 7.02 -31.50
CA LYS D 75 15.20 6.66 -32.92
C LYS D 75 13.74 6.69 -33.43
N ALA D 76 12.78 6.30 -32.57
CA ALA D 76 11.36 6.36 -32.96
C ALA D 76 10.45 6.38 -31.74
N MET D 77 9.40 7.18 -31.83
CA MET D 77 8.34 7.16 -30.77
C MET D 77 7.14 6.67 -31.60
N ALA D 78 6.63 5.52 -31.23
CA ALA D 78 5.63 4.85 -32.01
C ALA D 78 4.24 4.85 -31.38
N PHE D 79 3.27 5.15 -32.26
CA PHE D 79 1.83 5.14 -31.89
C PHE D 79 1.15 4.05 -32.68
N ARG D 80 0.32 3.28 -32.01
CA ARG D 80 -0.41 2.22 -32.72
C ARG D 80 -1.70 2.87 -33.22
N VAL D 81 -2.08 2.55 -34.46
CA VAL D 81 -3.30 3.06 -35.09
C VAL D 81 -4.38 1.95 -35.14
N ARG D 82 -5.63 2.35 -35.37
CA ARG D 82 -6.73 1.42 -35.22
C ARG D 82 -6.83 0.32 -36.22
N THR D 83 -6.48 0.61 -37.47
CA THR D 83 -6.59 -0.39 -38.52
C THR D 83 -5.42 -0.32 -39.49
N PRO D 84 -5.22 -1.39 -40.23
CA PRO D 84 -4.13 -1.44 -41.20
C PRO D 84 -4.25 -0.23 -42.14
N GLU D 85 -5.47 0.18 -42.50
CA GLU D 85 -5.64 1.30 -43.41
C GLU D 85 -5.24 2.64 -42.86
N ASP D 86 -5.16 2.75 -41.52
CA ASP D 86 -4.73 3.99 -40.92
C ASP D 86 -3.27 4.23 -41.18
N VAL D 87 -2.51 3.20 -41.57
CA VAL D 87 -1.08 3.45 -41.88
C VAL D 87 -1.01 4.22 -43.24
N ASP D 88 -1.88 3.84 -44.21
CA ASP D 88 -1.96 4.55 -45.48
C ASP D 88 -2.43 5.96 -45.20
N LYS D 89 -3.41 6.13 -44.30
CA LYS D 89 -3.89 7.48 -43.99
C LYS D 89 -2.77 8.35 -43.41
N ALA D 90 -2.01 7.78 -42.48
CA ALA D 90 -0.87 8.50 -41.92
C ALA D 90 0.13 8.93 -43.01
N GLU D 91 0.42 8.05 -43.96
CA GLU D 91 1.36 8.36 -45.03
C GLU D 91 0.85 9.51 -45.86
N ALA D 92 -0.44 9.49 -46.18
CA ALA D 92 -1.01 10.59 -46.99
C ALA D 92 -1.03 11.90 -46.26
N TYR D 93 -1.35 11.81 -44.96
CA TYR D 93 -1.45 12.96 -44.11
C TYR D 93 -0.09 13.69 -43.99
N TYR D 94 0.98 12.94 -43.71
CA TYR D 94 2.28 13.57 -43.52
C TYR D 94 2.88 14.03 -44.85
N GLN D 95 2.55 13.34 -45.93
CA GLN D 95 3.03 13.82 -47.24
C GLN D 95 2.31 15.14 -47.55
N GLU D 96 1.05 15.27 -47.16
CA GLU D 96 0.37 16.52 -47.47
C GLU D 96 1.01 17.64 -46.68
N LEU D 97 1.46 17.32 -45.45
CA LEU D 97 2.16 18.28 -44.59
C LEU D 97 3.57 18.54 -45.13
N GLY D 98 3.99 17.77 -46.11
CA GLY D 98 5.31 18.01 -46.69
C GLY D 98 6.50 17.42 -45.92
N CYS D 99 6.22 16.38 -45.13
CA CYS D 99 7.24 15.78 -44.30
C CYS D 99 7.88 14.59 -44.97
N ARG D 100 9.14 14.34 -44.64
CA ARG D 100 9.78 13.19 -45.17
C ARG D 100 9.19 11.95 -44.47
N THR D 101 8.88 10.90 -45.25
CA THR D 101 8.33 9.64 -44.73
C THR D 101 9.09 8.45 -45.31
N GLU D 102 9.01 7.32 -44.63
CA GLU D 102 9.61 6.07 -45.08
C GLU D 102 8.65 4.94 -44.68
N ARG D 103 8.27 4.10 -45.62
CA ARG D 103 7.31 3.01 -45.37
C ARG D 103 7.96 1.65 -45.51
N ARG D 104 7.74 0.77 -44.53
CA ARG D 104 8.31 -0.57 -44.60
C ARG D 104 7.21 -1.60 -44.35
N LYS D 105 6.84 -2.33 -45.40
CA LYS D 105 5.80 -3.32 -45.29
C LYS D 105 6.06 -4.36 -44.21
N ASP D 106 7.34 -4.66 -43.98
CA ASP D 106 7.67 -5.64 -43.00
C ASP D 106 8.25 -5.10 -41.71
N GLY D 107 8.13 -3.78 -41.55
CA GLY D 107 8.54 -3.09 -40.31
C GLY D 107 9.98 -2.64 -40.20
N PHE D 108 10.25 -1.79 -39.22
CA PHE D 108 11.58 -1.27 -38.96
C PHE D 108 12.26 -2.05 -37.87
N VAL D 109 11.48 -2.69 -37.03
CA VAL D 109 12.00 -3.46 -35.90
C VAL D 109 11.23 -4.79 -35.82
N LYS D 110 11.80 -5.80 -35.15
CA LYS D 110 11.14 -7.08 -35.06
C LYS D 110 9.83 -6.93 -34.30
N GLY D 111 8.89 -7.80 -34.61
CA GLY D 111 7.62 -7.74 -33.85
C GLY D 111 6.64 -6.70 -34.36
N ILE D 112 7.02 -5.89 -35.35
CA ILE D 112 6.10 -4.89 -35.93
C ILE D 112 6.01 -5.19 -37.42
N GLY D 113 4.81 -5.08 -37.98
CA GLY D 113 4.61 -5.28 -39.41
C GLY D 113 4.65 -3.96 -40.16
N ASP D 114 3.73 -3.79 -41.11
CA ASP D 114 3.70 -2.59 -41.94
C ASP D 114 3.73 -1.32 -41.10
N ALA D 115 4.71 -0.47 -41.36
CA ALA D 115 4.88 0.70 -40.54
C ALA D 115 5.36 1.90 -41.32
N LEU D 116 4.98 3.07 -40.84
CA LEU D 116 5.39 4.32 -41.43
C LEU D 116 6.19 5.12 -40.46
N ARG D 117 7.40 5.56 -40.82
CA ARG D 117 8.11 6.45 -39.90
C ARG D 117 8.19 7.80 -40.62
N VAL D 118 8.08 8.90 -39.90
CA VAL D 118 8.11 10.23 -40.48
C VAL D 118 8.97 11.18 -39.66
N GLU D 119 9.50 12.21 -40.31
CA GLU D 119 10.21 13.27 -39.60
C GLU D 119 9.03 14.26 -39.49
N ASP D 120 8.38 14.36 -38.32
CA ASP D 120 7.21 15.20 -38.22
C ASP D 120 7.53 16.71 -38.30
N PRO D 121 6.50 17.58 -38.33
CA PRO D 121 6.69 19.03 -38.42
C PRO D 121 7.51 19.69 -37.34
N LEU D 122 7.64 19.00 -36.21
CA LEU D 122 8.40 19.49 -35.06
C LEU D 122 9.78 18.81 -35.01
N GLY D 123 10.09 17.99 -36.01
CA GLY D 123 11.38 17.29 -36.09
C GLY D 123 11.49 15.97 -35.34
N PHE D 124 10.36 15.46 -34.84
CA PHE D 124 10.41 14.19 -34.15
C PHE D 124 10.18 12.98 -35.00
N PRO D 125 10.85 11.86 -34.69
CA PRO D 125 10.66 10.63 -35.47
C PRO D 125 9.46 9.82 -34.99
N TYR D 126 8.30 10.11 -35.55
CA TYR D 126 7.10 9.34 -35.15
C TYR D 126 6.97 8.10 -36.03
N GLU D 127 6.45 7.03 -35.45
CA GLU D 127 6.12 5.84 -36.22
C GLU D 127 4.63 5.54 -36.00
N PHE D 128 3.96 5.10 -37.08
CA PHE D 128 2.56 4.68 -37.01
C PHE D 128 2.53 3.26 -37.57
N PHE D 129 1.89 2.36 -36.85
CA PHE D 129 1.75 0.97 -37.25
C PHE D 129 0.50 0.39 -36.66
N PHE D 130 -0.01 -0.69 -37.27
CA PHE D 130 -1.11 -1.48 -36.71
C PHE D 130 -0.63 -2.91 -36.41
N GLU D 131 -0.04 -3.56 -37.40
CA GLU D 131 0.41 -4.94 -37.26
C GLU D 131 1.51 -5.12 -36.23
N THR D 132 1.32 -6.10 -35.36
CA THR D 132 2.32 -6.43 -34.35
C THR D 132 2.13 -7.87 -33.90
N THR D 133 3.24 -8.55 -33.59
CA THR D 133 3.19 -9.92 -33.11
C THR D 133 2.67 -9.92 -31.69
N HIS D 134 1.57 -10.62 -31.43
CA HIS D 134 1.13 -10.75 -30.01
C HIS D 134 2.01 -11.73 -29.25
N VAL D 135 2.17 -11.45 -27.94
CA VAL D 135 2.98 -12.29 -27.07
C VAL D 135 2.16 -12.59 -25.82
N GLU D 136 2.71 -13.44 -24.95
CA GLU D 136 2.02 -13.80 -23.70
C GLU D 136 1.80 -12.55 -22.84
N ARG D 137 0.53 -12.20 -22.57
CA ARG D 137 0.26 -11.05 -21.71
C ARG D 137 0.54 -11.55 -20.29
N LEU D 138 1.48 -10.92 -19.58
CA LEU D 138 1.92 -11.45 -18.29
C LEU D 138 1.14 -10.90 -17.05
N HIS D 139 -0.05 -10.33 -17.30
CA HIS D 139 -0.75 -9.62 -16.23
C HIS D 139 -1.14 -10.40 -15.04
N MET D 140 -1.23 -11.73 -15.18
CA MET D 140 -1.53 -12.55 -14.03
C MET D 140 -0.36 -13.45 -13.67
N ARG D 141 0.82 -13.13 -14.22
CA ARG D 141 1.99 -13.96 -13.93
C ARG D 141 2.65 -13.47 -12.64
N TYR D 142 1.95 -13.65 -11.52
CA TYR D 142 2.44 -13.18 -10.24
C TYR D 142 3.69 -13.92 -9.75
N ASP D 143 3.97 -15.07 -10.37
CA ASP D 143 5.20 -15.76 -10.05
C ASP D 143 6.42 -14.96 -10.62
N LEU D 144 6.18 -13.99 -11.53
CA LEU D 144 7.26 -13.19 -12.15
C LEU D 144 7.24 -11.77 -11.60
N TYR D 145 6.17 -11.38 -10.93
CA TYR D 145 6.00 -10.03 -10.44
C TYR D 145 7.05 -9.54 -9.45
N SER D 146 7.68 -8.41 -9.78
CA SER D 146 8.68 -7.86 -8.86
C SER D 146 8.10 -6.77 -7.99
N ALA D 147 8.78 -6.52 -6.86
CA ALA D 147 8.29 -5.52 -5.91
C ALA D 147 8.22 -4.13 -6.55
N GLY D 148 8.94 -3.90 -7.64
CA GLY D 148 8.83 -2.58 -8.29
C GLY D 148 8.23 -2.73 -9.71
N GLU D 149 7.35 -3.70 -9.91
CA GLU D 149 6.92 -3.99 -11.29
C GLU D 149 6.37 -2.85 -12.17
N LEU D 150 6.93 -2.68 -13.38
CA LEU D 150 6.40 -1.72 -14.36
C LEU D 150 5.31 -2.43 -15.14
N VAL D 151 4.08 -1.90 -15.03
CA VAL D 151 2.92 -2.61 -15.61
C VAL D 151 2.41 -2.15 -16.95
N ARG D 152 2.65 -0.88 -17.31
CA ARG D 152 2.23 -0.42 -18.64
C ARG D 152 3.13 0.69 -19.09
N LEU D 153 3.23 0.84 -20.40
CA LEU D 153 3.87 2.03 -20.97
C LEU D 153 2.74 3.07 -21.06
N ASP D 154 2.98 4.31 -20.65
CA ASP D 154 1.91 5.33 -20.71
C ASP D 154 2.11 6.49 -21.67
N HIS D 155 3.28 7.12 -21.70
CA HIS D 155 3.37 8.30 -22.56
C HIS D 155 4.80 8.71 -22.88
N PHE D 156 4.89 9.65 -23.82
CA PHE D 156 6.14 10.32 -24.19
C PHE D 156 6.00 11.78 -23.72
N ASN D 157 7.13 12.46 -23.63
CA ASN D 157 7.11 13.89 -23.28
C ASN D 157 8.19 14.52 -24.14
N GLN D 158 7.75 15.49 -24.97
CA GLN D 158 8.61 16.12 -25.98
C GLN D 158 8.92 17.56 -25.64
N VAL D 159 10.14 17.99 -25.95
CA VAL D 159 10.57 19.38 -25.75
C VAL D 159 10.65 20.05 -27.15
N THR D 160 10.01 21.21 -27.28
CA THR D 160 9.94 21.86 -28.61
C THR D 160 9.93 23.35 -28.35
N PRO D 161 10.48 24.14 -29.29
CA PRO D 161 10.49 25.58 -29.03
C PRO D 161 9.18 26.38 -28.98
N ASP D 162 8.18 25.97 -29.77
CA ASP D 162 6.89 26.68 -29.92
C ASP D 162 5.78 25.72 -29.61
N VAL D 163 5.34 25.77 -28.37
CA VAL D 163 4.30 24.84 -27.93
C VAL D 163 2.93 25.11 -28.64
N PRO D 164 2.50 26.38 -28.74
CA PRO D 164 1.23 26.65 -29.44
C PRO D 164 1.22 26.06 -30.88
N ARG D 165 2.34 26.21 -31.59
CA ARG D 165 2.41 25.73 -32.96
C ARG D 165 2.23 24.23 -32.99
N GLY D 166 2.92 23.56 -32.04
CA GLY D 166 2.78 22.10 -32.03
C GLY D 166 1.45 21.60 -31.47
N ARG D 167 0.89 22.34 -30.54
CA ARG D 167 -0.38 21.97 -29.94
C ARG D 167 -1.45 21.95 -31.03
N LYS D 168 -1.48 22.95 -31.91
CA LYS D 168 -2.50 22.93 -32.97
C LYS D 168 -2.36 21.70 -33.90
N TYR D 169 -1.14 21.42 -34.30
CA TYR D 169 -0.84 20.28 -35.13
C TYR D 169 -1.29 18.98 -34.45
N LEU D 170 -1.03 18.85 -33.14
CA LEU D 170 -1.45 17.59 -32.50
C LEU D 170 -2.96 17.53 -32.34
N GLU D 171 -3.60 18.68 -32.10
CA GLU D 171 -5.06 18.69 -32.05
C GLU D 171 -5.63 18.30 -33.42
N ASP D 172 -5.03 18.76 -34.53
CA ASP D 172 -5.57 18.37 -35.83
C ASP D 172 -5.42 16.88 -36.03
N LEU D 173 -4.36 16.33 -35.46
CA LEU D 173 -4.13 14.89 -35.54
C LEU D 173 -5.09 14.11 -34.64
N GLY D 174 -5.87 14.78 -33.79
CA GLY D 174 -6.87 14.04 -33.00
C GLY D 174 -6.55 13.96 -31.51
N PHE D 175 -5.38 14.40 -31.09
CA PHE D 175 -5.08 14.39 -29.66
C PHE D 175 -5.95 15.43 -28.94
N ARG D 176 -6.38 15.13 -27.72
CA ARG D 176 -7.20 16.05 -26.98
C ARG D 176 -6.41 16.55 -25.74
N VAL D 177 -6.40 17.86 -25.52
CA VAL D 177 -5.66 18.40 -24.38
C VAL D 177 -6.45 18.22 -23.11
N THR D 178 -5.84 17.59 -22.12
CA THR D 178 -6.48 17.34 -20.84
C THR D 178 -6.11 18.35 -19.78
N GLU D 179 -4.83 18.77 -19.80
CA GLU D 179 -4.29 19.79 -18.89
C GLU D 179 -3.26 20.66 -19.67
N ASP D 180 -3.18 21.92 -19.29
CA ASP D 180 -2.18 22.80 -19.89
C ASP D 180 -1.75 23.83 -18.88
N ILE D 181 -0.67 24.53 -19.20
CA ILE D 181 -0.16 25.63 -18.36
C ILE D 181 -0.23 26.86 -19.25
N GLN D 182 -0.89 27.89 -18.73
CA GLN D 182 -1.05 29.14 -19.49
C GLN D 182 -0.63 30.37 -18.68
N ASP D 183 -0.27 31.47 -19.35
CA ASP D 183 -0.03 32.69 -18.56
C ASP D 183 -1.36 33.46 -18.45
N ASP D 184 -1.36 34.68 -17.88
CA ASP D 184 -2.62 35.42 -17.73
C ASP D 184 -3.20 35.84 -19.08
N GLU D 185 -2.36 35.97 -20.10
CA GLU D 185 -2.85 36.29 -21.42
C GLU D 185 -3.51 35.13 -22.14
N GLY D 186 -3.39 33.91 -21.60
CA GLY D 186 -4.04 32.76 -22.26
C GLY D 186 -3.13 31.97 -23.19
N THR D 187 -1.87 32.34 -23.25
CA THR D 187 -0.90 31.69 -24.09
C THR D 187 -0.48 30.32 -23.46
N THR D 188 -0.50 29.29 -24.28
CA THR D 188 -0.08 27.95 -23.80
C THR D 188 1.47 27.82 -23.72
N TYR D 189 1.97 27.38 -22.56
CA TYR D 189 3.37 27.12 -22.33
C TYR D 189 3.72 25.64 -22.31
N ALA D 190 2.73 24.79 -21.99
CA ALA D 190 2.99 23.32 -22.04
C ALA D 190 1.61 22.70 -22.13
N ALA D 191 1.51 21.52 -22.73
CA ALA D 191 0.17 20.91 -22.84
C ALA D 191 0.32 19.37 -22.80
N TRP D 192 -0.68 18.73 -22.19
CA TRP D 192 -0.75 17.25 -22.04
C TRP D 192 -1.88 16.77 -22.94
N MET D 193 -1.61 15.82 -23.82
CA MET D 193 -2.68 15.39 -24.78
C MET D 193 -2.79 13.93 -24.96
N HIS D 194 -4.03 13.48 -25.12
CA HIS D 194 -4.30 12.04 -25.16
C HIS D 194 -5.16 11.55 -26.29
N ARG D 195 -5.02 10.24 -26.52
CA ARG D 195 -5.93 9.52 -27.37
C ARG D 195 -6.60 8.39 -26.59
N LYS D 196 -5.88 7.74 -25.67
CA LYS D 196 -6.39 6.51 -25.04
C LYS D 196 -7.25 6.64 -23.80
N GLY D 197 -7.46 7.84 -23.34
CA GLY D 197 -8.34 8.02 -22.19
C GLY D 197 -7.67 8.19 -20.83
N THR D 198 -6.36 8.42 -20.81
CA THR D 198 -5.65 8.77 -19.57
C THR D 198 -5.21 10.25 -19.74
N VAL D 199 -4.48 10.81 -18.78
CA VAL D 199 -4.08 12.20 -18.95
C VAL D 199 -3.36 12.46 -20.23
N HIS D 200 -2.46 11.55 -20.64
CA HIS D 200 -1.81 11.83 -21.92
C HIS D 200 -1.13 10.61 -22.55
N ASP D 201 -0.92 10.73 -23.86
CA ASP D 201 -0.09 9.82 -24.64
C ASP D 201 1.20 10.60 -25.01
N THR D 202 1.12 11.92 -25.14
CA THR D 202 2.38 12.71 -25.34
C THR D 202 2.10 14.07 -24.73
N ALA D 203 3.16 14.85 -24.49
CA ALA D 203 2.98 16.19 -23.90
C ALA D 203 4.02 17.02 -24.61
N LEU D 204 3.73 18.32 -24.73
CA LEU D 204 4.69 19.23 -25.34
C LEU D 204 5.09 20.22 -24.25
N THR D 205 6.41 20.36 -24.03
CA THR D 205 6.88 21.35 -23.09
C THR D 205 7.82 22.27 -23.85
N GLY D 206 7.98 23.50 -23.36
CA GLY D 206 8.80 24.47 -24.09
C GLY D 206 10.29 24.41 -23.81
N GLY D 207 11.07 24.42 -24.87
CA GLY D 207 12.53 24.44 -24.72
C GLY D 207 13.23 24.19 -26.06
N ASN D 208 14.55 24.19 -26.05
CA ASN D 208 15.23 23.89 -27.31
C ASN D 208 14.85 22.49 -27.79
N GLY D 209 14.61 22.31 -29.07
CA GLY D 209 14.21 20.99 -29.53
C GLY D 209 14.46 20.80 -31.00
N PRO D 210 14.10 19.67 -31.56
CA PRO D 210 13.46 18.56 -30.85
C PRO D 210 14.34 17.76 -29.92
N ARG D 211 13.83 17.51 -28.70
CA ARG D 211 14.46 16.58 -27.78
C ARG D 211 13.33 15.80 -27.10
N LEU D 212 13.66 14.58 -26.65
CA LEU D 212 12.68 13.74 -25.91
C LEU D 212 12.97 13.90 -24.45
N HIS D 213 12.02 14.49 -23.70
CA HIS D 213 12.26 14.69 -22.28
C HIS D 213 12.25 13.33 -21.56
N HIS D 214 11.21 12.51 -21.80
CA HIS D 214 11.21 11.16 -21.16
C HIS D 214 10.17 10.24 -21.79
N VAL D 215 10.27 8.98 -21.40
CA VAL D 215 9.26 7.91 -21.72
C VAL D 215 8.79 7.52 -20.32
N ALA D 216 7.49 7.22 -20.18
CA ALA D 216 6.91 6.94 -18.84
C ALA D 216 6.23 5.60 -18.77
N PHE D 217 6.48 4.90 -17.68
CA PHE D 217 5.79 3.65 -17.39
C PHE D 217 5.01 3.82 -16.08
N SER D 218 3.94 3.03 -15.91
CA SER D 218 3.24 3.10 -14.62
C SER D 218 3.43 1.85 -13.81
N THR D 219 3.17 2.00 -12.51
CA THR D 219 3.16 0.80 -11.59
C THR D 219 1.70 0.69 -11.10
N HIS D 220 1.39 -0.43 -10.44
CA HIS D 220 0.04 -0.59 -9.94
C HIS D 220 -0.24 0.35 -8.74
N GLU D 221 0.74 0.49 -7.86
CA GLU D 221 0.55 1.23 -6.61
C GLU D 221 1.77 2.08 -6.21
N LYS D 222 1.59 2.99 -5.26
CA LYS D 222 2.70 3.84 -4.85
C LYS D 222 3.86 3.08 -4.25
N HIS D 223 3.59 2.02 -3.45
CA HIS D 223 4.71 1.28 -2.83
C HIS D 223 5.65 0.70 -3.90
N ASN D 224 5.17 0.44 -5.11
CA ASN D 224 6.08 -0.07 -6.16
C ASN D 224 7.17 0.92 -6.53
N ILE D 225 6.80 2.19 -6.58
CA ILE D 225 7.75 3.27 -6.89
C ILE D 225 8.72 3.48 -5.78
N ILE D 226 8.25 3.42 -4.53
CA ILE D 226 9.17 3.57 -3.41
C ILE D 226 10.20 2.44 -3.46
N GLN D 227 9.76 1.22 -3.82
CA GLN D 227 10.69 0.07 -3.91
C GLN D 227 11.75 0.31 -5.02
N ILE D 228 11.36 0.92 -6.15
CA ILE D 228 12.43 1.17 -7.15
C ILE D 228 13.52 2.02 -6.50
N CYS D 229 13.14 3.08 -5.77
CA CYS D 229 14.13 3.95 -5.08
C CYS D 229 14.94 3.19 -4.05
N ASP D 230 14.27 2.33 -3.27
CA ASP D 230 14.97 1.54 -2.27
C ASP D 230 15.99 0.57 -2.88
N LYS D 231 15.62 -0.07 -3.98
CA LYS D 231 16.49 -1.05 -4.68
C LYS D 231 17.66 -0.27 -5.28
N MET D 232 17.40 0.92 -5.85
CA MET D 232 18.56 1.66 -6.41
C MET D 232 19.53 2.06 -5.29
N GLY D 233 18.99 2.41 -4.11
CA GLY D 233 19.86 2.77 -2.99
C GLY D 233 20.71 1.54 -2.58
N ALA D 234 20.09 0.38 -2.55
CA ALA D 234 20.81 -0.85 -2.18
C ALA D 234 21.88 -1.22 -3.20
N LEU D 235 21.61 -0.88 -4.45
CA LEU D 235 22.59 -1.18 -5.50
C LEU D 235 23.63 -0.06 -5.64
N ARG D 236 23.56 0.97 -4.80
CA ARG D 236 24.48 2.08 -4.83
C ARG D 236 24.43 2.84 -6.16
N ILE D 237 23.22 2.93 -6.73
CA ILE D 237 23.05 3.71 -7.96
C ILE D 237 21.97 4.77 -7.70
N SER D 238 21.89 5.24 -6.44
CA SER D 238 20.91 6.27 -6.12
C SER D 238 21.23 7.60 -6.86
N ASP D 239 22.49 7.76 -7.28
CA ASP D 239 22.79 8.98 -8.03
C ASP D 239 22.08 9.03 -9.39
N ARG D 240 21.43 7.92 -9.80
CA ARG D 240 20.68 7.89 -11.06
C ARG D 240 19.19 8.26 -10.81
N ILE D 241 18.82 8.50 -9.57
CA ILE D 241 17.46 9.01 -9.26
C ILE D 241 17.57 10.52 -9.42
N GLU D 242 16.90 11.06 -10.44
CA GLU D 242 16.98 12.45 -10.70
C GLU D 242 16.01 13.34 -9.96
N ARG D 243 14.75 12.93 -9.93
CA ARG D 243 13.76 13.79 -9.28
C ARG D 243 12.66 12.87 -8.71
N GLY D 244 12.19 13.23 -7.52
CA GLY D 244 11.09 12.46 -6.92
C GLY D 244 11.60 11.56 -5.82
N PRO D 245 10.70 10.79 -5.23
CA PRO D 245 9.26 10.71 -5.54
C PRO D 245 8.55 11.98 -5.13
N GLY D 246 7.50 12.28 -5.89
CA GLY D 246 6.71 13.45 -5.51
C GLY D 246 5.33 13.29 -6.10
N ARG D 247 4.52 14.35 -5.93
CA ARG D 247 3.16 14.40 -6.56
C ARG D 247 3.13 15.59 -7.53
N HIS D 248 2.86 15.32 -8.80
CA HIS D 248 2.77 16.44 -9.76
C HIS D 248 1.40 17.11 -9.59
N GLY D 249 1.35 18.45 -9.72
CA GLY D 249 0.03 19.08 -9.75
C GLY D 249 -0.56 18.70 -11.09
N VAL D 250 0.02 19.15 -12.20
CA VAL D 250 -0.44 18.73 -13.50
C VAL D 250 -0.36 17.21 -13.60
N SER D 251 -1.50 16.58 -13.93
CA SER D 251 -1.70 15.11 -14.09
C SER D 251 -2.01 14.38 -12.80
N ASN D 252 -1.74 15.00 -11.66
CA ASN D 252 -1.99 14.36 -10.37
C ASN D 252 -1.24 13.05 -10.19
N ALA D 253 -0.15 12.89 -10.91
CA ALA D 253 0.59 11.66 -10.78
C ALA D 253 1.57 11.63 -9.64
N PHE D 254 1.69 10.43 -9.02
CA PHE D 254 2.74 10.21 -7.99
C PHE D 254 3.93 9.72 -8.89
N TYR D 255 5.04 10.48 -8.88
CA TYR D 255 6.09 10.21 -9.86
C TYR D 255 7.47 9.97 -9.34
N LEU D 256 8.33 9.47 -10.28
CA LEU D 256 9.75 9.26 -10.02
C LEU D 256 10.44 9.39 -11.38
N TYR D 257 11.55 10.15 -11.44
CA TYR D 257 12.32 10.20 -12.71
C TYR D 257 13.72 9.64 -12.45
N ILE D 258 14.15 8.72 -13.29
CA ILE D 258 15.48 8.10 -13.15
C ILE D 258 16.20 8.18 -14.47
N LEU D 259 17.53 8.01 -14.42
CA LEU D 259 18.33 8.12 -15.63
C LEU D 259 19.03 6.81 -16.04
N ASP D 260 18.86 6.42 -17.30
CA ASP D 260 19.49 5.19 -17.78
C ASP D 260 21.01 5.40 -18.04
N PRO D 261 21.69 4.33 -18.44
CA PRO D 261 23.16 4.52 -18.64
C PRO D 261 23.60 5.55 -19.65
N ASP D 262 22.71 5.89 -20.58
CA ASP D 262 23.02 6.93 -21.57
C ASP D 262 22.36 8.25 -21.23
N ASN D 263 21.85 8.36 -19.99
CA ASN D 263 21.17 9.54 -19.51
C ASN D 263 19.77 9.77 -20.04
N HIS D 264 19.19 8.78 -20.70
CA HIS D 264 17.80 8.87 -21.19
C HIS D 264 16.94 8.85 -19.89
N ARG D 265 16.00 9.77 -19.78
CA ARG D 265 15.16 9.88 -18.57
C ARG D 265 13.91 9.00 -18.71
N ILE D 266 13.70 8.21 -17.66
CA ILE D 266 12.51 7.32 -17.61
C ILE D 266 11.67 7.80 -16.42
N GLU D 267 10.38 8.04 -16.67
CA GLU D 267 9.49 8.36 -15.57
C GLU D 267 8.79 7.07 -15.17
N ILE D 268 8.61 6.85 -13.85
CA ILE D 268 7.75 5.77 -13.37
C ILE D 268 6.71 6.50 -12.54
N TYR D 269 5.42 6.25 -12.79
CA TYR D 269 4.43 6.98 -11.95
C TYR D 269 3.24 6.05 -11.70
N THR D 270 2.38 6.49 -10.78
CA THR D 270 1.11 5.75 -10.63
C THR D 270 0.03 6.81 -10.40
N GLN D 271 -1.20 6.39 -10.64
CA GLN D 271 -2.46 7.14 -10.44
C GLN D 271 -2.80 7.92 -11.70
N ASP D 272 -3.85 7.51 -12.37
CA ASP D 272 -4.26 8.24 -13.56
C ASP D 272 -5.71 8.52 -13.31
N TYR D 273 -6.34 9.24 -14.20
CA TYR D 273 -7.78 9.45 -14.09
C TYR D 273 -8.31 9.42 -15.51
N TYR D 274 -9.61 9.20 -15.60
CA TYR D 274 -10.26 9.01 -16.91
C TYR D 274 -10.54 10.28 -17.68
N THR D 275 -10.07 10.31 -18.92
CA THR D 275 -10.26 11.53 -19.73
C THR D 275 -11.01 11.27 -21.01
N GLY D 276 -11.59 10.05 -21.14
CA GLY D 276 -12.21 9.69 -22.40
C GLY D 276 -13.48 10.40 -22.85
N ASP D 277 -14.14 11.17 -21.99
CA ASP D 277 -15.36 11.82 -22.50
C ASP D 277 -14.87 12.99 -23.39
N PRO D 278 -15.61 13.28 -24.48
CA PRO D 278 -15.21 14.34 -25.39
C PRO D 278 -15.18 15.73 -24.85
N ASP D 279 -15.95 15.97 -23.82
CA ASP D 279 -15.97 17.26 -23.17
C ASP D 279 -15.24 17.23 -21.83
N ASN D 280 -14.27 16.27 -21.70
CA ASN D 280 -13.49 16.18 -20.47
C ASN D 280 -13.04 17.64 -20.12
N PRO D 281 -13.21 18.06 -18.86
CA PRO D 281 -12.82 19.45 -18.51
C PRO D 281 -11.30 19.66 -18.53
N THR D 282 -10.84 20.56 -19.38
CA THR D 282 -9.40 20.78 -19.46
C THR D 282 -9.01 21.53 -18.21
N ILE D 283 -7.91 21.15 -17.53
CA ILE D 283 -7.46 21.84 -16.35
C ILE D 283 -6.31 22.75 -16.79
N THR D 284 -6.50 24.07 -16.60
CA THR D 284 -5.47 25.06 -16.93
C THR D 284 -4.85 25.56 -15.63
N TRP D 285 -3.53 25.40 -15.57
CA TRP D 285 -2.69 25.84 -14.42
C TRP D 285 -1.99 27.11 -14.86
N ASN D 286 -1.91 28.07 -13.95
CA ASN D 286 -1.21 29.31 -14.24
C ASN D 286 0.28 29.13 -14.13
N VAL D 287 1.03 29.80 -15.03
CA VAL D 287 2.47 29.71 -15.04
C VAL D 287 3.09 30.05 -13.70
N HIS D 288 2.39 30.80 -12.85
CA HIS D 288 2.99 31.13 -11.56
C HIS D 288 2.57 30.30 -10.38
N ASP D 289 1.80 29.24 -10.63
CA ASP D 289 1.31 28.39 -9.55
C ASP D 289 2.36 27.33 -9.35
N ASN D 290 3.11 27.39 -8.25
CA ASN D 290 4.19 26.39 -8.07
C ASN D 290 3.68 24.97 -7.90
N GLN D 291 2.44 24.84 -7.40
CA GLN D 291 1.93 23.49 -7.20
C GLN D 291 1.70 22.78 -8.48
N ARG D 292 1.80 23.49 -9.61
CA ARG D 292 1.59 22.82 -10.91
C ARG D 292 2.71 21.78 -11.16
N ARG D 293 3.88 22.10 -10.61
CA ARG D 293 5.08 21.28 -10.75
C ARG D 293 5.16 20.24 -9.61
N ASP D 294 5.05 20.71 -8.38
CA ASP D 294 5.09 19.84 -7.23
C ASP D 294 4.02 20.22 -6.25
N TRP D 295 3.07 19.30 -6.11
CA TRP D 295 1.98 19.51 -5.19
C TRP D 295 2.43 19.67 -3.75
N TRP D 296 3.56 19.03 -3.40
CA TRP D 296 4.05 19.08 -2.02
C TRP D 296 5.12 20.16 -1.81
N GLY D 297 5.51 20.83 -2.90
CA GLY D 297 6.55 21.86 -2.81
C GLY D 297 8.02 21.38 -2.86
N ASN D 298 8.26 20.12 -3.23
CA ASN D 298 9.61 19.48 -3.35
C ASN D 298 10.53 20.44 -4.08
N PRO D 299 11.82 20.51 -3.67
CA PRO D 299 12.76 21.42 -4.35
C PRO D 299 12.98 21.09 -5.81
N VAL D 300 13.16 22.18 -6.56
CA VAL D 300 13.41 22.12 -7.98
C VAL D 300 14.76 21.40 -8.26
N VAL D 301 14.75 20.53 -9.26
CA VAL D 301 15.95 19.82 -9.68
C VAL D 301 16.34 20.50 -11.05
N PRO D 302 17.39 21.33 -11.10
CA PRO D 302 17.70 21.96 -12.39
C PRO D 302 17.91 21.13 -13.65
N SER D 303 18.48 19.92 -13.51
CA SER D 303 18.74 19.12 -14.69
C SER D 303 17.44 18.72 -15.38
N TRP D 304 16.36 18.68 -14.61
CA TRP D 304 15.10 18.27 -15.20
C TRP D 304 14.62 19.32 -16.22
N TYR D 305 15.11 20.55 -16.07
CA TYR D 305 14.71 21.61 -17.00
C TYR D 305 15.76 21.89 -18.06
N THR D 306 16.93 21.28 -17.94
CA THR D 306 17.96 21.51 -18.94
C THR D 306 18.31 20.30 -19.81
N GLU D 307 18.21 19.08 -19.27
CA GLU D 307 18.59 17.89 -19.99
C GLU D 307 17.40 17.15 -20.64
N ALA D 308 17.58 16.73 -21.89
CA ALA D 308 16.58 15.91 -22.59
C ALA D 308 17.34 15.21 -23.73
N SER D 309 16.82 14.07 -24.18
CA SER D 309 17.48 13.27 -25.17
C SER D 309 17.44 13.79 -26.59
N LYS D 310 18.53 13.54 -27.31
CA LYS D 310 18.53 13.93 -28.74
C LYS D 310 17.58 13.01 -29.47
N VAL D 311 17.17 13.39 -30.68
CA VAL D 311 16.33 12.48 -31.46
C VAL D 311 16.96 12.38 -32.85
N LEU D 312 16.73 11.27 -33.53
CA LEU D 312 17.30 11.02 -34.86
C LEU D 312 16.38 11.31 -36.01
N ASP D 313 17.01 11.61 -37.14
CA ASP D 313 16.24 11.75 -38.36
C ASP D 313 16.18 10.37 -39.04
N LEU D 314 15.55 10.26 -40.23
CA LEU D 314 15.41 8.97 -40.89
C LEU D 314 16.67 8.31 -41.47
N ASP D 315 17.75 9.08 -41.46
CA ASP D 315 19.08 8.59 -41.88
C ASP D 315 19.88 8.11 -40.68
N GLY D 316 19.33 8.30 -39.49
CA GLY D 316 20.04 7.86 -38.29
C GLY D 316 20.97 8.88 -37.71
N ASN D 317 20.86 10.12 -38.17
CA ASN D 317 21.71 11.21 -37.68
C ASN D 317 20.95 12.09 -36.72
N VAL D 318 21.61 12.67 -35.72
CA VAL D 318 20.90 13.54 -34.80
C VAL D 318 20.26 14.76 -35.41
N GLN D 319 18.97 14.98 -35.13
CA GLN D 319 18.32 16.21 -35.62
C GLN D 319 18.86 17.47 -35.00
N GLU D 320 19.14 18.49 -35.83
CA GLU D 320 19.60 19.76 -35.29
C GLU D 320 18.65 20.32 -34.24
N ILE D 321 19.23 20.70 -33.10
CA ILE D 321 18.40 21.23 -32.01
C ILE D 321 18.29 22.74 -32.12
N ILE D 322 17.06 23.21 -32.29
CA ILE D 322 16.72 24.63 -32.41
C ILE D 322 16.44 25.24 -31.01
FE FEL E . -0.95 -16.70 14.92
O1 FEL E . -1.49 -16.85 17.07
O2 FEL E . -3.14 -17.10 14.74
O3 FEL E . -1.81 -14.35 14.62
FE FEL F . 13.53 11.04 13.99
O1 FEL F . 15.51 10.62 14.92
O2 FEL F . 13.74 9.06 12.64
O3 FEL F . 15.02 11.65 12.51
FE FEL G . -18.20 -6.81 -11.06
O1 FEL G . -18.59 -7.82 -13.05
O2 FEL G . -18.06 -8.96 -10.73
O3 FEL G . -15.70 -7.18 -11.15
FE FEL H . 5.64 12.37 -17.74
O1 FEL H . 4.63 14.01 -18.94
O2 FEL H . 6.17 14.05 -16.65
O3 FEL H . 4.02 12.46 -15.98
#